data_5UX4
#
_entry.id   5UX4
#
_cell.length_a   136.514
_cell.length_b   66.122
_cell.length_c   99.555
_cell.angle_alpha   90.000
_cell.angle_beta   99.530
_cell.angle_gamma   90.000
#
_symmetry.space_group_name_H-M   'C 1 2 1'
#
loop_
_entity.id
_entity.type
_entity.pdbx_description
1 polymer 'Cathepsin D'
2 branched 2-acetamido-2-deoxy-beta-D-glucopyranose-(1-4)-2-acetamido-2-deoxy-beta-D-glucopyranose
3 non-polymer 2-acetamido-2-deoxy-beta-D-glucopyranose
4 non-polymer "(5S)-3-(5,6-dihydro-2H-pyran-3-yl)-1-fluoro-7-(2-fluoropyridin-3-yl)spiro[chromeno[2,3-c]pyridine-5,4'-[1,3]oxazol]-2'-amine"
5 water water
#
_entity_poly.entity_id   1
_entity_poly.type   'polypeptide(L)'
_entity_poly.pdbx_seq_one_letter_code
;MEWSWVFLFFLSVTTGVHSLIRIPLRKFTSIRRTMTEVGGSVEDLILKGPITKYSMQSSPRTKEPVSELLKNYLDAQYYG
EIGIGTPPQCFTVVFDTGSSNLWVPSIHCKLLDIACWVHHKYNSDKSSTYVKNGTSFDIHYGSGSLSGYLSQDTVSVPCK
SDLGGIKVEKQIFGEATKQPGVVFIAAKFDGILGMGYPFISVNNVLPVFDNLMKQKLVEKNIFSFYLNRDPTGQPGGELM
LGGTDSRYYHGELSYLNVTRKAYWQVHMDQLEVGSELTLCKGGCEAIVDTGTSLLVGPVDEVKELQKAIGAVPLIQGEYM
IPCEKVSSLPIITFKLGGQNYELHPEKYILKVSQAGKTICLSGFMGMDIPPPSGPLWILGDVFIGCYYTVFDREYNRVGF
AKAATLDEVDHHHHHHHHHH
;
_entity_poly.pdbx_strand_id   A,B
#
loop_
_chem_comp.id
_chem_comp.type
_chem_comp.name
_chem_comp.formula
3UT non-polymer (5S)-3-(5,6-dihydro-2H-pyran-3-yl)-1-fluoro-7-(2-fluoropyridin-3-yl)spiro[chromeno[2,3-c]pyridine-5,4'-[1,3]oxazol]-2'-amine 'C24 H18 F2 N4 O3'
NAG D-saccharide, beta linking 2-acetamido-2-deoxy-beta-D-glucopyranose 'C8 H15 N O6'
#
# COMPACT_ATOMS: atom_id res chain seq x y z
N GLU A 64 -21.53 32.94 -0.88
CA GLU A 64 -20.22 32.51 -1.37
C GLU A 64 -19.89 31.04 -1.06
N PRO A 65 -20.28 30.51 0.10
CA PRO A 65 -20.20 29.06 0.31
C PRO A 65 -21.16 28.32 -0.60
N VAL A 66 -20.73 27.15 -1.07
CA VAL A 66 -21.43 26.39 -2.10
C VAL A 66 -22.11 25.19 -1.44
N SER A 67 -23.41 25.03 -1.72
CA SER A 67 -24.19 23.92 -1.21
C SER A 67 -24.31 22.83 -2.28
N GLU A 68 -24.08 21.59 -1.89
CA GLU A 68 -24.13 20.44 -2.79
C GLU A 68 -25.13 19.43 -2.24
N LEU A 69 -26.24 19.24 -2.95
CA LEU A 69 -27.18 18.19 -2.59
C LEU A 69 -26.50 16.83 -2.62
N LEU A 70 -26.93 15.94 -1.73
CA LEU A 70 -26.43 14.58 -1.70
C LEU A 70 -27.61 13.62 -1.71
N LYS A 71 -27.49 12.56 -2.52
CA LYS A 71 -28.46 11.47 -2.49
C LYS A 71 -27.96 10.39 -1.54
N ASN A 72 -28.91 9.74 -0.88
CA ASN A 72 -28.63 8.72 0.13
C ASN A 72 -29.20 7.39 -0.35
N TYR A 73 -28.33 6.42 -0.61
CA TYR A 73 -28.73 5.09 -1.02
C TYR A 73 -28.55 4.14 0.15
N LEU A 74 -29.66 3.75 0.78
CA LEU A 74 -29.69 2.70 1.80
C LEU A 74 -28.75 3.00 2.98
N ASP A 75 -28.61 4.27 3.36
CA ASP A 75 -27.71 4.70 4.42
C ASP A 75 -26.26 4.30 4.18
N ALA A 76 -25.95 3.72 3.02
CA ALA A 76 -24.62 3.19 2.73
C ALA A 76 -23.81 4.05 1.78
N GLN A 77 -24.46 4.73 0.83
CA GLN A 77 -23.78 5.55 -0.15
C GLN A 77 -24.34 6.96 -0.15
N TYR A 78 -23.44 7.94 -0.16
CA TYR A 78 -23.81 9.35 -0.22
C TYR A 78 -23.02 9.99 -1.35
N TYR A 79 -23.73 10.45 -2.38
CA TYR A 79 -23.10 10.94 -3.59
C TYR A 79 -23.85 12.15 -4.11
N GLY A 80 -23.09 13.11 -4.67
CA GLY A 80 -23.66 14.29 -5.29
C GLY A 80 -23.17 14.43 -6.72
N GLU A 81 -23.74 15.41 -7.42
CA GLU A 81 -23.46 15.63 -8.82
C GLU A 81 -22.39 16.70 -9.00
N ILE A 82 -21.45 16.43 -9.91
CA ILE A 82 -20.44 17.39 -10.34
C ILE A 82 -20.40 17.41 -11.85
N GLY A 83 -19.69 18.38 -12.40
CA GLY A 83 -19.54 18.50 -13.84
C GLY A 83 -18.09 18.57 -14.25
N ILE A 84 -17.79 17.97 -15.40
CA ILE A 84 -16.44 17.97 -15.95
C ILE A 84 -16.54 18.36 -17.43
N GLY A 85 -15.92 19.47 -17.78
CA GLY A 85 -15.81 19.90 -19.16
C GLY A 85 -16.69 21.10 -19.47
N THR A 86 -16.54 21.58 -20.70
CA THR A 86 -17.34 22.70 -21.21
C THR A 86 -17.96 22.27 -22.54
N PRO A 87 -19.27 22.02 -22.62
CA PRO A 87 -20.24 22.09 -21.51
C PRO A 87 -20.04 20.98 -20.49
N PRO A 88 -20.55 21.17 -19.26
CA PRO A 88 -20.31 20.19 -18.19
C PRO A 88 -20.98 18.86 -18.50
N GLN A 89 -20.19 17.79 -18.39
CA GLN A 89 -20.72 16.43 -18.37
C GLN A 89 -20.95 16.02 -16.92
N CYS A 90 -22.17 15.62 -16.61
CA CYS A 90 -22.55 15.38 -15.22
C CYS A 90 -22.12 14.00 -14.77
N PHE A 91 -21.47 13.94 -13.61
CA PHE A 91 -21.06 12.70 -12.96
C PHE A 91 -21.48 12.74 -11.50
N THR A 92 -21.89 11.58 -10.98
CA THR A 92 -22.15 11.43 -9.56
C THR A 92 -20.90 10.89 -8.87
N VAL A 93 -20.46 11.58 -7.82
CA VAL A 93 -19.25 11.20 -7.11
C VAL A 93 -19.54 11.13 -5.62
N VAL A 94 -18.83 10.24 -4.94
CA VAL A 94 -18.77 10.24 -3.49
C VAL A 94 -17.65 11.20 -3.08
N PHE A 95 -18.01 12.22 -2.30
CA PHE A 95 -17.02 13.16 -1.79
C PHE A 95 -16.31 12.50 -0.62
N ASP A 96 -15.15 11.91 -0.90
CA ASP A 96 -14.51 10.96 -0.01
C ASP A 96 -13.34 11.63 0.70
N THR A 97 -13.45 11.77 2.02
CA THR A 97 -12.34 12.26 2.84
C THR A 97 -11.32 11.17 3.14
N GLY A 98 -11.51 9.96 2.61
CA GLY A 98 -10.58 8.87 2.77
C GLY A 98 -9.63 8.65 1.61
N SER A 99 -9.70 9.50 0.59
CA SER A 99 -8.75 9.49 -0.51
C SER A 99 -8.52 10.94 -0.96
N SER A 100 -7.76 11.13 -2.03
CA SER A 100 -7.42 12.48 -2.46
C SER A 100 -7.41 12.63 -3.99
N ASN A 101 -7.94 11.68 -4.74
CA ASN A 101 -7.96 11.76 -6.19
C ASN A 101 -9.40 11.90 -6.70
N LEU A 102 -9.53 12.56 -7.83
CA LEU A 102 -10.79 12.63 -8.57
C LEU A 102 -10.67 11.77 -9.82
N TRP A 103 -11.60 10.82 -9.98
CA TRP A 103 -11.62 9.99 -11.16
C TRP A 103 -13.05 9.61 -11.51
N VAL A 104 -13.30 9.48 -12.81
CA VAL A 104 -14.58 9.00 -13.34
C VAL A 104 -14.29 8.05 -14.48
N PRO A 105 -15.26 7.20 -14.83
CA PRO A 105 -15.06 6.31 -15.98
C PRO A 105 -14.85 7.09 -17.27
N SER A 106 -14.22 6.42 -18.24
CA SER A 106 -13.91 7.01 -19.53
C SER A 106 -14.61 6.24 -20.64
N ILE A 107 -14.90 6.93 -21.74
CA ILE A 107 -15.44 6.24 -22.92
C ILE A 107 -14.44 5.23 -23.44
N HIS A 108 -13.15 5.52 -23.33
CA HIS A 108 -12.11 4.66 -23.88
C HIS A 108 -11.89 3.41 -23.03
N CYS A 109 -12.97 2.87 -22.47
CA CYS A 109 -12.94 1.55 -21.86
C CYS A 109 -13.20 0.50 -22.93
N LYS A 110 -13.21 -0.77 -22.55
CA LYS A 110 -13.28 -1.85 -23.50
C LYS A 110 -14.66 -2.50 -23.52
N LEU A 111 -15.08 -2.86 -24.73
CA LEU A 111 -16.44 -3.34 -24.99
C LEU A 111 -16.80 -4.55 -24.15
N LEU A 112 -15.83 -5.40 -23.82
CA LEU A 112 -16.10 -6.67 -23.16
C LEU A 112 -15.98 -6.62 -21.65
N ASP A 113 -15.54 -5.49 -21.08
CA ASP A 113 -15.51 -5.32 -19.63
C ASP A 113 -16.87 -4.82 -19.15
N ILE A 114 -17.34 -5.38 -18.04
CA ILE A 114 -18.69 -5.05 -17.57
C ILE A 114 -18.71 -3.64 -16.96
N ALA A 115 -17.60 -3.20 -16.38
CA ALA A 115 -17.55 -1.85 -15.82
C ALA A 115 -17.74 -0.77 -16.88
N CYS A 116 -17.46 -1.10 -18.15
CA CYS A 116 -17.63 -0.19 -19.28
C CYS A 116 -19.08 0.06 -19.64
N TRP A 117 -20.03 -0.59 -18.96
CA TRP A 117 -21.45 -0.50 -19.28
C TRP A 117 -22.30 0.00 -18.12
N VAL A 118 -21.70 0.53 -17.06
CA VAL A 118 -22.40 0.77 -15.80
C VAL A 118 -22.63 2.26 -15.56
N HIS A 119 -21.59 3.07 -15.63
CA HIS A 119 -21.67 4.46 -15.20
C HIS A 119 -21.42 5.41 -16.38
N HIS A 120 -21.69 6.69 -16.12
CA HIS A 120 -21.49 7.72 -17.12
C HIS A 120 -20.00 7.92 -17.38
N LYS A 121 -19.67 8.26 -18.62
CA LYS A 121 -18.31 8.21 -19.12
C LYS A 121 -17.83 9.60 -19.54
N TYR A 122 -16.57 9.90 -19.21
CA TYR A 122 -15.98 11.16 -19.65
C TYR A 122 -15.52 11.05 -21.10
N ASN A 123 -15.94 12.01 -21.92
CA ASN A 123 -15.61 12.06 -23.34
C ASN A 123 -14.86 13.37 -23.58
N SER A 124 -13.52 13.27 -23.65
CA SER A 124 -12.69 14.46 -23.79
C SER A 124 -12.85 15.13 -25.15
N ASP A 125 -13.50 14.48 -26.12
CA ASP A 125 -13.74 15.13 -27.41
C ASP A 125 -14.75 16.27 -27.28
N LYS A 126 -15.72 16.14 -26.38
CA LYS A 126 -16.82 17.09 -26.25
C LYS A 126 -16.50 18.27 -25.33
N SER A 127 -15.24 18.46 -24.95
CA SER A 127 -14.85 19.51 -24.03
C SER A 127 -13.81 20.41 -24.69
N SER A 128 -14.11 21.71 -24.75
CA SER A 128 -13.17 22.68 -25.29
C SER A 128 -12.08 23.05 -24.29
N THR A 129 -12.33 22.86 -23.00
CA THR A 129 -11.36 23.15 -21.96
C THR A 129 -10.46 21.96 -21.63
N TYR A 130 -10.64 20.85 -22.34
CA TYR A 130 -9.81 19.66 -22.09
C TYR A 130 -8.41 19.87 -22.64
N VAL A 131 -7.40 19.55 -21.83
CA VAL A 131 -6.02 19.47 -22.27
C VAL A 131 -5.45 18.14 -21.81
N LYS A 132 -4.60 17.53 -22.63
CA LYS A 132 -4.15 16.17 -22.41
C LYS A 132 -2.98 16.13 -21.43
N ASN A 133 -3.06 15.24 -20.44
CA ASN A 133 -1.90 14.87 -19.64
C ASN A 133 -1.35 13.51 -20.04
N GLY A 134 -2.21 12.49 -20.13
CA GLY A 134 -1.84 11.20 -20.65
C GLY A 134 -1.12 10.27 -19.68
N THR A 135 -0.56 10.81 -18.60
CA THR A 135 0.17 9.98 -17.64
C THR A 135 -0.73 8.89 -17.09
N SER A 136 -0.31 7.64 -17.22
CA SER A 136 -1.10 6.52 -16.74
C SER A 136 -1.09 6.47 -15.22
N PHE A 137 -2.21 6.08 -14.63
CA PHE A 137 -2.32 5.90 -13.19
C PHE A 137 -2.80 4.49 -12.88
N ASP A 138 -2.50 4.05 -11.66
CA ASP A 138 -2.91 2.74 -11.16
C ASP A 138 -3.18 2.88 -9.68
N ILE A 139 -4.41 2.59 -9.25
CA ILE A 139 -4.84 2.83 -7.88
C ILE A 139 -5.27 1.51 -7.26
N HIS A 140 -4.77 1.23 -6.06
CA HIS A 140 -5.10 0.02 -5.32
C HIS A 140 -5.65 0.37 -3.94
N TYR A 141 -6.53 -0.49 -3.43
CA TYR A 141 -7.04 -0.37 -2.08
C TYR A 141 -7.66 -1.72 -1.69
N GLY A 142 -8.40 -1.74 -0.58
CA GLY A 142 -8.92 -2.97 -0.04
C GLY A 142 -9.86 -3.76 -0.93
N SER A 143 -10.94 -3.14 -1.37
CA SER A 143 -11.96 -3.87 -2.13
C SER A 143 -11.44 -4.30 -3.50
N GLY A 144 -10.65 -3.45 -4.16
CA GLY A 144 -10.15 -3.78 -5.48
C GLY A 144 -9.14 -2.80 -6.02
N SER A 145 -9.21 -2.53 -7.33
CA SER A 145 -8.26 -1.64 -7.97
C SER A 145 -8.88 -1.11 -9.26
N LEU A 146 -8.31 0.00 -9.73
CA LEU A 146 -8.68 0.57 -11.03
C LEU A 146 -7.45 1.24 -11.63
N SER A 147 -7.51 1.50 -12.93
CA SER A 147 -6.39 2.07 -13.64
C SER A 147 -6.88 2.88 -14.82
N GLY A 148 -6.02 3.77 -15.31
CA GLY A 148 -6.32 4.60 -16.45
C GLY A 148 -5.22 5.62 -16.71
N TYR A 149 -5.56 6.79 -17.25
CA TYR A 149 -4.60 7.86 -17.44
C TYR A 149 -5.22 9.17 -16.98
N LEU A 150 -4.38 10.19 -16.86
CA LEU A 150 -4.79 11.48 -16.32
C LEU A 150 -5.24 12.42 -17.43
N SER A 151 -6.15 13.32 -17.07
CA SER A 151 -6.60 14.38 -17.96
C SER A 151 -6.73 15.66 -17.16
N GLN A 152 -6.87 16.79 -17.85
CA GLN A 152 -7.03 18.09 -17.22
C GLN A 152 -8.21 18.79 -17.86
N ASP A 153 -9.10 19.34 -17.02
CA ASP A 153 -10.34 19.95 -17.49
C ASP A 153 -10.91 20.78 -16.35
N THR A 154 -12.02 21.46 -16.64
CA THR A 154 -12.73 22.27 -15.65
C THR A 154 -13.75 21.41 -14.90
N VAL A 155 -13.81 21.59 -13.58
CA VAL A 155 -14.70 20.83 -12.72
C VAL A 155 -15.75 21.78 -12.15
N SER A 156 -17.02 21.47 -12.37
CA SER A 156 -18.14 22.28 -11.89
C SER A 156 -18.78 21.62 -10.69
N VAL A 157 -19.03 22.41 -9.64
CA VAL A 157 -19.67 21.92 -8.42
C VAL A 157 -20.78 22.89 -8.03
N PRO A 158 -22.06 22.54 -8.20
CA PRO A 158 -22.58 21.31 -8.79
C PRO A 158 -22.47 21.28 -10.31
N CYS A 159 -23.15 20.34 -10.97
CA CYS A 159 -23.06 20.26 -12.43
C CYS A 159 -23.58 21.55 -13.08
N LYS A 160 -24.65 22.11 -12.55
CA LYS A 160 -25.07 23.45 -12.93
C LYS A 160 -24.54 24.45 -11.89
N GLY A 164 -24.58 30.21 -7.90
CA GLY A 164 -24.44 29.33 -6.76
C GLY A 164 -23.20 28.45 -6.81
N GLY A 165 -22.97 27.84 -7.97
CA GLY A 165 -21.86 26.91 -8.13
C GLY A 165 -20.54 27.60 -8.47
N ILE A 166 -19.52 26.78 -8.67
CA ILE A 166 -18.17 27.25 -8.96
C ILE A 166 -17.59 26.45 -10.11
N LYS A 167 -16.56 27.02 -10.74
CA LYS A 167 -15.80 26.37 -11.81
C LYS A 167 -14.35 26.28 -11.37
N VAL A 168 -13.87 25.06 -11.13
CA VAL A 168 -12.48 24.83 -10.77
C VAL A 168 -11.70 24.59 -12.06
N GLU A 169 -10.76 25.49 -12.36
CA GLU A 169 -10.05 25.46 -13.62
C GLU A 169 -8.77 24.63 -13.53
N LYS A 170 -8.44 23.95 -14.63
CA LYS A 170 -7.18 23.22 -14.78
C LYS A 170 -7.00 22.18 -13.68
N GLN A 171 -8.02 21.36 -13.48
CA GLN A 171 -8.01 20.30 -12.48
C GLN A 171 -7.59 19.00 -13.14
N ILE A 172 -6.48 18.43 -12.68
CA ILE A 172 -6.02 17.14 -13.18
C ILE A 172 -6.78 16.04 -12.46
N PHE A 173 -7.32 15.10 -13.21
CA PHE A 173 -8.13 14.02 -12.67
C PHE A 173 -7.79 12.74 -13.43
N GLY A 174 -8.57 11.69 -13.18
CA GLY A 174 -8.29 10.42 -13.81
C GLY A 174 -9.40 9.90 -14.70
N GLU A 175 -9.03 9.53 -15.93
CA GLU A 175 -9.94 8.80 -16.83
C GLU A 175 -9.72 7.31 -16.59
N ALA A 176 -10.66 6.68 -15.89
CA ALA A 176 -10.56 5.25 -15.60
C ALA A 176 -10.94 4.45 -16.82
N THR A 177 -9.99 3.64 -17.32
CA THR A 177 -10.23 2.81 -18.48
C THR A 177 -10.39 1.33 -18.14
N LYS A 178 -10.00 0.91 -16.93
CA LYS A 178 -10.15 -0.47 -16.50
C LYS A 178 -10.56 -0.47 -15.03
N GLN A 179 -11.66 -1.16 -14.73
CA GLN A 179 -12.19 -1.27 -13.37
C GLN A 179 -12.50 -2.73 -13.08
N PRO A 180 -11.48 -3.53 -12.78
CA PRO A 180 -11.74 -4.94 -12.43
C PRO A 180 -12.45 -5.06 -11.10
N GLY A 181 -13.01 -6.25 -10.87
CA GLY A 181 -13.70 -6.55 -9.63
C GLY A 181 -15.20 -6.31 -9.72
N VAL A 182 -15.89 -6.78 -8.68
CA VAL A 182 -17.34 -6.61 -8.58
C VAL A 182 -17.73 -5.40 -7.73
N VAL A 183 -16.75 -4.63 -7.26
CA VAL A 183 -17.03 -3.52 -6.36
C VAL A 183 -17.89 -2.47 -7.05
N PHE A 184 -17.39 -1.93 -8.17
CA PHE A 184 -18.01 -0.79 -8.82
C PHE A 184 -19.36 -1.11 -9.44
N ILE A 185 -19.74 -2.38 -9.53
CA ILE A 185 -21.08 -2.71 -10.02
C ILE A 185 -22.12 -2.38 -8.96
N ALA A 186 -21.77 -2.56 -7.69
CA ALA A 186 -22.69 -2.26 -6.60
C ALA A 186 -22.87 -0.77 -6.39
N ALA A 187 -21.91 0.05 -6.82
CA ALA A 187 -21.94 1.48 -6.55
C ALA A 187 -22.97 2.18 -7.41
N LYS A 188 -23.83 2.96 -6.78
CA LYS A 188 -24.79 3.81 -7.49
C LYS A 188 -24.16 5.08 -8.02
N PHE A 189 -22.88 5.31 -7.76
CA PHE A 189 -22.19 6.53 -8.15
C PHE A 189 -21.13 6.24 -9.19
N ASP A 190 -20.84 7.24 -10.02
CA ASP A 190 -19.90 7.05 -11.13
C ASP A 190 -18.46 6.99 -10.65
N GLY A 191 -18.06 7.89 -9.75
CA GLY A 191 -16.67 7.95 -9.32
C GLY A 191 -16.45 8.50 -7.94
N ILE A 192 -15.25 9.02 -7.69
CA ILE A 192 -14.83 9.48 -6.37
C ILE A 192 -14.13 10.83 -6.51
N LEU A 193 -14.41 11.73 -5.59
CA LEU A 193 -13.68 12.98 -5.44
C LEU A 193 -13.03 12.98 -4.06
N GLY A 194 -11.73 12.76 -4.01
CA GLY A 194 -11.02 12.70 -2.75
C GLY A 194 -10.85 14.07 -2.14
N MET A 195 -11.14 14.16 -0.84
CA MET A 195 -11.01 15.42 -0.10
C MET A 195 -10.07 15.27 1.09
N GLY A 196 -9.09 14.37 0.97
CA GLY A 196 -8.04 14.24 1.96
C GLY A 196 -6.85 15.12 1.66
N TYR A 197 -5.81 14.97 2.48
CA TYR A 197 -4.60 15.74 2.29
C TYR A 197 -3.86 15.28 1.05
N PRO A 198 -3.04 16.16 0.46
CA PRO A 198 -2.27 15.75 -0.74
C PRO A 198 -1.32 14.59 -0.49
N PHE A 199 -0.98 14.31 0.76
CA PHE A 199 0.05 13.32 1.08
C PHE A 199 -0.33 11.92 0.60
N ILE A 200 -1.62 11.63 0.42
CA ILE A 200 -2.06 10.31 -0.03
C ILE A 200 -2.61 10.35 -1.44
N SER A 201 -2.35 11.42 -2.19
CA SER A 201 -2.83 11.52 -3.57
C SER A 201 -1.90 10.74 -4.49
N VAL A 202 -2.44 9.68 -5.11
CA VAL A 202 -1.66 8.88 -6.03
C VAL A 202 -1.27 9.72 -7.23
N ASN A 203 0.00 9.63 -7.62
CA ASN A 203 0.65 10.41 -8.69
C ASN A 203 0.88 11.86 -8.30
N ASN A 204 0.77 12.20 -7.01
CA ASN A 204 1.04 13.55 -6.51
C ASN A 204 0.19 14.59 -7.26
N VAL A 205 -1.08 14.27 -7.42
CA VAL A 205 -2.02 15.14 -8.13
C VAL A 205 -2.69 16.05 -7.12
N LEU A 206 -2.63 17.35 -7.37
CA LEU A 206 -3.22 18.34 -6.47
C LEU A 206 -4.72 18.09 -6.35
N PRO A 207 -5.25 17.81 -5.16
CA PRO A 207 -6.67 17.46 -5.04
C PRO A 207 -7.58 18.64 -5.35
N VAL A 208 -8.87 18.34 -5.47
CA VAL A 208 -9.84 19.32 -5.90
C VAL A 208 -9.93 20.47 -4.91
N PHE A 209 -10.11 20.16 -3.62
CA PHE A 209 -10.29 21.21 -2.64
C PHE A 209 -9.03 22.05 -2.46
N ASP A 210 -7.85 21.43 -2.58
CA ASP A 210 -6.61 22.20 -2.55
C ASP A 210 -6.54 23.15 -3.75
N ASN A 211 -6.95 22.67 -4.92
CA ASN A 211 -6.88 23.49 -6.13
C ASN A 211 -7.88 24.63 -6.08
N LEU A 212 -9.08 24.38 -5.55
CA LEU A 212 -10.09 25.43 -5.50
C LEU A 212 -9.70 26.52 -4.51
N MET A 213 -9.06 26.15 -3.39
CA MET A 213 -8.59 27.15 -2.45
C MET A 213 -7.43 27.95 -3.02
N LYS A 214 -6.59 27.32 -3.86
CA LYS A 214 -5.55 28.06 -4.55
C LYS A 214 -6.15 29.07 -5.51
N GLN A 215 -7.28 28.74 -6.13
CA GLN A 215 -8.01 29.67 -6.97
C GLN A 215 -8.89 30.63 -6.17
N LYS A 216 -8.90 30.51 -4.84
CA LYS A 216 -9.62 31.42 -3.94
C LYS A 216 -11.09 31.55 -4.34
N LEU A 217 -11.76 30.41 -4.48
CA LEU A 217 -13.15 30.39 -4.92
C LEU A 217 -14.15 30.38 -3.78
N VAL A 218 -13.71 30.15 -2.54
CA VAL A 218 -14.58 30.27 -1.37
C VAL A 218 -13.81 31.00 -0.27
N GLU A 219 -14.56 31.51 0.70
CA GLU A 219 -13.98 32.39 1.71
C GLU A 219 -13.15 31.62 2.73
N LYS A 220 -13.69 30.51 3.24
CA LYS A 220 -13.08 29.78 4.34
C LYS A 220 -12.48 28.47 3.84
N ASN A 221 -11.31 28.12 4.37
CA ASN A 221 -10.60 26.91 3.99
C ASN A 221 -11.16 25.70 4.75
N ILE A 222 -12.48 25.50 4.66
CA ILE A 222 -13.18 24.43 5.37
C ILE A 222 -14.23 23.82 4.44
N PHE A 223 -14.71 22.65 4.84
CA PHE A 223 -15.90 22.05 4.23
C PHE A 223 -16.56 21.15 5.25
N SER A 224 -17.88 20.97 5.10
CA SER A 224 -18.68 20.31 6.13
C SER A 224 -19.64 19.32 5.48
N PHE A 225 -19.98 18.28 6.24
CA PHE A 225 -20.85 17.21 5.78
C PHE A 225 -22.05 17.08 6.71
N TYR A 226 -23.24 17.16 6.14
CA TYR A 226 -24.45 16.66 6.77
C TYR A 226 -24.86 15.38 6.04
N LEU A 227 -25.05 14.30 6.78
CA LEU A 227 -25.50 13.03 6.22
C LEU A 227 -26.78 12.61 6.95
N ASN A 228 -27.87 12.54 6.21
CA ASN A 228 -29.15 12.15 6.78
C ASN A 228 -29.21 10.63 6.90
N ARG A 229 -29.30 10.13 8.13
CA ARG A 229 -29.40 8.69 8.36
C ARG A 229 -30.83 8.17 8.26
N ASP A 230 -31.80 9.05 7.98
CA ASP A 230 -33.14 8.62 7.63
C ASP A 230 -33.14 8.26 6.14
N PRO A 231 -33.25 6.98 5.79
CA PRO A 231 -33.10 6.59 4.38
C PRO A 231 -34.13 7.21 3.46
N THR A 232 -35.37 7.37 3.92
CA THR A 232 -36.42 7.96 3.11
C THR A 232 -36.46 9.48 3.17
N GLY A 233 -35.74 10.09 4.10
CA GLY A 233 -35.78 11.53 4.26
C GLY A 233 -35.13 12.26 3.10
N GLN A 234 -35.36 13.58 3.07
CA GLN A 234 -34.81 14.45 2.05
C GLN A 234 -34.35 15.76 2.66
N PRO A 235 -33.17 16.26 2.27
CA PRO A 235 -32.30 15.59 1.31
C PRO A 235 -31.52 14.44 1.93
N GLY A 236 -30.85 13.63 1.12
CA GLY A 236 -30.00 12.59 1.66
C GLY A 236 -28.79 13.12 2.40
N GLY A 237 -28.44 14.37 2.18
CA GLY A 237 -27.29 14.97 2.82
C GLY A 237 -26.93 16.26 2.13
N GLU A 238 -25.85 16.88 2.62
CA GLU A 238 -25.41 18.14 2.05
C GLU A 238 -23.94 18.36 2.37
N LEU A 239 -23.15 18.60 1.32
CA LEU A 239 -21.76 19.04 1.47
C LEU A 239 -21.71 20.55 1.33
N MET A 240 -20.99 21.20 2.23
CA MET A 240 -20.93 22.66 2.29
C MET A 240 -19.46 23.08 2.08
N LEU A 241 -19.16 23.60 0.90
CA LEU A 241 -17.80 24.01 0.55
C LEU A 241 -17.60 25.46 0.98
N GLY A 242 -16.74 25.67 1.98
CA GLY A 242 -16.39 27.00 2.43
C GLY A 242 -17.13 27.49 3.65
N GLY A 243 -17.95 26.66 4.28
CA GLY A 243 -18.67 27.10 5.45
C GLY A 243 -19.29 25.93 6.18
N THR A 244 -20.13 26.25 7.16
CA THR A 244 -20.87 25.26 7.94
C THR A 244 -22.34 25.64 7.95
N ASP A 245 -23.21 24.63 7.85
CA ASP A 245 -24.65 24.85 7.75
C ASP A 245 -25.27 24.60 9.12
N SER A 246 -25.69 25.70 9.78
CA SER A 246 -26.23 25.61 11.14
C SER A 246 -27.61 24.97 11.20
N ARG A 247 -28.32 24.87 10.06
CA ARG A 247 -29.63 24.25 10.07
C ARG A 247 -29.55 22.78 10.43
N TYR A 248 -28.40 22.14 10.19
CA TYR A 248 -28.27 20.70 10.28
C TYR A 248 -27.49 20.25 11.52
N TYR A 249 -27.34 21.11 12.52
CA TYR A 249 -26.76 20.66 13.78
C TYR A 249 -27.21 21.56 14.92
N HIS A 250 -27.51 20.95 16.05
CA HIS A 250 -27.76 21.66 17.29
C HIS A 250 -26.44 22.00 17.99
N GLY A 251 -26.53 22.92 18.94
CA GLY A 251 -25.40 23.23 19.81
C GLY A 251 -24.20 23.82 19.08
N GLU A 252 -23.06 23.71 19.75
CA GLU A 252 -21.79 24.28 19.29
C GLU A 252 -20.86 23.17 18.79
N LEU A 253 -19.95 23.56 17.91
CA LEU A 253 -18.93 22.65 17.42
C LEU A 253 -17.79 22.53 18.42
N SER A 254 -17.24 21.33 18.55
CA SER A 254 -16.03 21.07 19.32
C SER A 254 -15.03 20.38 18.42
N TYR A 255 -13.76 20.75 18.56
CA TYR A 255 -12.76 20.43 17.56
C TYR A 255 -11.68 19.47 18.07
N LEU A 256 -11.18 18.64 17.16
CA LEU A 256 -10.05 17.76 17.39
C LEU A 256 -8.92 18.12 16.42
N ASN A 257 -7.71 18.16 16.95
CA ASN A 257 -6.55 18.42 16.11
C ASN A 257 -6.19 17.18 15.31
N VAL A 258 -5.93 17.37 14.02
CA VAL A 258 -5.45 16.27 13.18
C VAL A 258 -4.06 15.86 13.65
N THR A 259 -3.85 14.56 13.82
CA THR A 259 -2.55 14.06 14.23
C THR A 259 -1.63 13.84 13.03
N ARG A 260 -2.08 13.09 12.03
CA ARG A 260 -1.30 12.80 10.84
C ARG A 260 -2.01 13.42 9.64
N LYS A 261 -1.34 14.36 8.98
CA LYS A 261 -1.90 15.07 7.83
C LYS A 261 -1.77 14.19 6.58
N ALA A 262 -2.63 13.17 6.51
CA ALA A 262 -2.72 12.31 5.34
C ALA A 262 -4.18 11.97 5.11
N TYR A 263 -4.72 11.07 5.92
CA TYR A 263 -6.16 11.02 6.12
C TYR A 263 -6.54 12.12 7.11
N TRP A 264 -7.85 12.27 7.35
CA TRP A 264 -8.32 13.14 8.43
C TRP A 264 -8.21 12.35 9.72
N GLN A 265 -6.98 12.20 10.18
CA GLN A 265 -6.66 11.30 11.29
C GLN A 265 -6.71 12.05 12.61
N VAL A 266 -7.18 11.37 13.65
CA VAL A 266 -7.51 11.95 14.94
C VAL A 266 -7.11 10.97 16.03
N HIS A 267 -6.73 11.50 17.19
CA HIS A 267 -6.45 10.65 18.34
C HIS A 267 -7.74 10.36 19.10
N MET A 268 -7.89 9.09 19.50
CA MET A 268 -9.04 8.65 20.29
C MET A 268 -8.53 8.10 21.62
N ASP A 269 -9.08 8.62 22.72
CA ASP A 269 -8.61 8.22 24.04
C ASP A 269 -9.04 6.80 24.39
N GLN A 270 -10.32 6.50 24.22
CA GLN A 270 -10.83 5.15 24.43
C GLN A 270 -12.25 5.08 23.89
N LEU A 271 -12.74 3.84 23.76
CA LEU A 271 -14.09 3.55 23.28
C LEU A 271 -14.78 2.67 24.29
N GLU A 272 -15.96 3.09 24.74
CA GLU A 272 -16.70 2.41 25.80
C GLU A 272 -17.98 1.79 25.24
N VAL A 273 -18.07 0.47 25.30
CA VAL A 273 -19.27 -0.26 24.88
C VAL A 273 -20.02 -0.57 26.16
N GLY A 274 -20.92 0.34 26.55
CA GLY A 274 -21.59 0.22 27.83
C GLY A 274 -20.63 0.53 28.96
N SER A 275 -20.73 -0.24 30.03
CA SER A 275 -19.86 -0.06 31.19
C SER A 275 -19.00 -1.27 31.50
N GLU A 276 -19.09 -2.33 30.70
CA GLU A 276 -18.36 -3.57 30.97
C GLU A 276 -17.31 -3.89 29.92
N LEU A 277 -17.29 -3.20 28.79
CA LEU A 277 -16.29 -3.45 27.75
C LEU A 277 -15.67 -2.11 27.33
N THR A 278 -14.35 -2.03 27.44
CA THR A 278 -13.60 -0.86 27.00
C THR A 278 -12.67 -1.29 25.88
N LEU A 279 -12.81 -0.66 24.72
CA LEU A 279 -11.94 -0.88 23.56
C LEU A 279 -11.10 0.38 23.34
N CYS A 280 -10.15 0.27 22.42
CA CYS A 280 -9.17 1.34 22.20
C CYS A 280 -8.52 1.73 23.53
N LYS A 281 -8.18 0.71 24.31
CA LYS A 281 -7.68 0.93 25.67
C LYS A 281 -6.30 1.56 25.63
N GLY A 282 -6.11 2.62 26.42
CA GLY A 282 -4.85 3.33 26.41
C GLY A 282 -4.63 4.22 25.22
N GLY A 283 -5.68 4.51 24.46
CA GLY A 283 -5.53 5.39 23.31
C GLY A 283 -5.29 4.63 22.03
N CYS A 284 -5.79 5.21 20.93
CA CYS A 284 -5.55 4.68 19.59
C CYS A 284 -5.83 5.82 18.61
N GLU A 285 -5.65 5.54 17.32
CA GLU A 285 -5.84 6.53 16.27
C GLU A 285 -7.07 6.20 15.44
N ALA A 286 -7.72 7.24 14.93
CA ALA A 286 -8.93 7.09 14.13
C ALA A 286 -8.88 8.06 12.96
N ILE A 287 -9.67 7.77 11.93
CA ILE A 287 -9.83 8.66 10.78
C ILE A 287 -11.31 8.92 10.58
N VAL A 288 -11.64 10.16 10.21
CA VAL A 288 -13.00 10.56 9.89
C VAL A 288 -13.18 10.41 8.39
N ASP A 289 -13.91 9.39 7.96
CA ASP A 289 -13.95 8.97 6.57
C ASP A 289 -15.40 8.93 6.09
N THR A 290 -15.75 9.87 5.20
CA THR A 290 -17.07 9.87 4.58
C THR A 290 -17.20 8.80 3.50
N GLY A 291 -16.11 8.16 3.10
CA GLY A 291 -16.16 7.16 2.06
C GLY A 291 -16.25 5.74 2.58
N THR A 292 -16.66 5.60 3.84
CA THR A 292 -16.86 4.31 4.47
C THR A 292 -18.25 4.27 5.10
N SER A 293 -19.01 3.23 4.80
CA SER A 293 -20.39 3.16 5.26
C SER A 293 -20.46 3.01 6.77
N LEU A 294 -19.73 2.04 7.33
CA LEU A 294 -19.91 1.63 8.71
C LEU A 294 -18.81 2.18 9.60
N LEU A 295 -18.90 1.83 10.89
CA LEU A 295 -17.83 2.06 11.85
C LEU A 295 -16.90 0.86 11.86
N VAL A 296 -15.61 1.10 11.66
CA VAL A 296 -14.63 0.04 11.49
C VAL A 296 -13.61 0.10 12.61
N GLY A 297 -13.25 -1.06 13.14
CA GLY A 297 -12.19 -1.18 14.11
C GLY A 297 -11.43 -2.48 13.91
N PRO A 298 -10.38 -2.69 14.70
CA PRO A 298 -9.64 -3.96 14.62
C PRO A 298 -10.55 -5.15 14.80
N VAL A 299 -10.19 -6.26 14.13
CA VAL A 299 -11.07 -7.43 14.09
C VAL A 299 -11.33 -7.96 15.49
N ASP A 300 -10.27 -8.18 16.26
CA ASP A 300 -10.43 -8.75 17.59
C ASP A 300 -11.25 -7.84 18.49
N GLU A 301 -11.04 -6.53 18.39
CA GLU A 301 -11.77 -5.60 19.25
C GLU A 301 -13.24 -5.54 18.89
N VAL A 302 -13.56 -5.52 17.59
CA VAL A 302 -14.96 -5.46 17.18
C VAL A 302 -15.66 -6.77 17.48
N LYS A 303 -14.95 -7.90 17.41
CA LYS A 303 -15.56 -9.18 17.77
C LYS A 303 -16.04 -9.17 19.22
N GLU A 304 -15.30 -8.51 20.11
CA GLU A 304 -15.78 -8.34 21.48
C GLU A 304 -17.05 -7.49 21.50
N LEU A 305 -17.08 -6.42 20.70
CA LEU A 305 -18.24 -5.53 20.68
C LEU A 305 -19.48 -6.27 20.21
N GLN A 306 -19.35 -7.10 19.18
CA GLN A 306 -20.51 -7.82 18.66
C GLN A 306 -21.04 -8.82 19.68
N LYS A 307 -20.16 -9.43 20.46
CA LYS A 307 -20.61 -10.35 21.50
C LYS A 307 -21.27 -9.60 22.65
N ALA A 308 -20.72 -8.45 23.02
CA ALA A 308 -21.29 -7.66 24.10
C ALA A 308 -22.70 -7.17 23.76
N ILE A 309 -22.95 -6.85 22.48
CA ILE A 309 -24.29 -6.49 22.06
C ILE A 309 -25.09 -7.69 21.56
N GLY A 310 -24.50 -8.88 21.57
CA GLY A 310 -25.22 -10.10 21.23
C GLY A 310 -25.45 -10.34 19.77
N ALA A 311 -24.75 -9.63 18.88
CA ALA A 311 -24.93 -9.83 17.45
C ALA A 311 -24.19 -11.08 16.98
N VAL A 312 -24.77 -11.74 15.98
CA VAL A 312 -24.19 -12.95 15.40
C VAL A 312 -23.94 -12.73 13.91
N PRO A 313 -22.85 -13.26 13.36
CA PRO A 313 -22.57 -13.06 11.94
C PRO A 313 -23.54 -13.85 11.08
N LEU A 314 -24.04 -13.20 10.03
CA LEU A 314 -24.91 -13.86 9.07
C LEU A 314 -24.09 -14.60 8.02
N ILE A 315 -24.77 -15.01 6.95
CA ILE A 315 -24.13 -15.81 5.90
C ILE A 315 -23.14 -14.95 5.12
N GLN A 316 -23.53 -13.71 4.81
CA GLN A 316 -22.72 -12.87 3.96
C GLN A 316 -21.55 -12.23 4.70
N GLY A 317 -21.58 -12.26 6.03
CA GLY A 317 -20.60 -11.60 6.87
C GLY A 317 -21.19 -10.55 7.79
N GLU A 318 -22.35 -9.98 7.43
CA GLU A 318 -22.98 -8.98 8.27
C GLU A 318 -23.37 -9.58 9.61
N TYR A 319 -23.33 -8.74 10.65
CA TYR A 319 -23.72 -9.14 11.99
C TYR A 319 -25.15 -8.69 12.25
N MET A 320 -25.98 -9.62 12.69
CA MET A 320 -27.41 -9.41 12.87
C MET A 320 -27.77 -9.46 14.35
N ILE A 321 -28.76 -8.66 14.73
CA ILE A 321 -29.32 -8.71 16.08
C ILE A 321 -30.83 -8.62 15.96
N PRO A 322 -31.59 -9.43 16.71
CA PRO A 322 -33.06 -9.33 16.65
C PRO A 322 -33.54 -7.93 16.99
N CYS A 323 -34.46 -7.42 16.17
CA CYS A 323 -34.92 -6.05 16.29
C CYS A 323 -35.67 -5.77 17.59
N GLU A 324 -36.10 -6.81 18.31
CA GLU A 324 -36.71 -6.59 19.61
C GLU A 324 -35.66 -6.17 20.64
N LYS A 325 -34.47 -6.74 20.55
CA LYS A 325 -33.41 -6.53 21.54
C LYS A 325 -32.66 -5.21 21.34
N VAL A 326 -33.03 -4.41 20.34
CA VAL A 326 -32.26 -3.21 20.03
C VAL A 326 -32.29 -2.22 21.19
N SER A 327 -33.50 -1.82 21.60
CA SER A 327 -33.63 -0.76 22.59
C SER A 327 -33.07 -1.12 23.96
N SER A 328 -32.68 -2.39 24.18
CA SER A 328 -32.07 -2.82 25.42
C SER A 328 -30.57 -2.92 25.34
N LEU A 329 -29.97 -2.45 24.23
CA LEU A 329 -28.53 -2.57 23.99
C LEU A 329 -27.78 -1.38 24.58
N PRO A 330 -26.50 -1.57 24.93
CA PRO A 330 -25.77 -0.53 25.66
C PRO A 330 -25.48 0.69 24.79
N ILE A 331 -25.18 1.79 25.49
CA ILE A 331 -24.74 3.01 24.85
C ILE A 331 -23.25 2.90 24.55
N ILE A 332 -22.85 3.28 23.34
CA ILE A 332 -21.47 3.22 22.90
C ILE A 332 -20.95 4.65 22.81
N THR A 333 -19.92 4.96 23.58
CA THR A 333 -19.37 6.30 23.70
C THR A 333 -17.98 6.34 23.09
N PHE A 334 -17.80 7.16 22.06
CA PHE A 334 -16.48 7.46 21.51
C PHE A 334 -15.93 8.68 22.25
N LYS A 335 -14.86 8.46 23.02
CA LYS A 335 -14.25 9.49 23.86
C LYS A 335 -12.96 9.95 23.18
N LEU A 336 -13.00 11.12 22.55
CA LEU A 336 -11.80 11.65 21.91
C LEU A 336 -11.73 13.15 22.11
N GLY A 337 -10.55 13.61 22.54
CA GLY A 337 -10.24 15.02 22.56
C GLY A 337 -10.95 15.81 23.63
N GLY A 338 -11.17 15.21 24.79
CA GLY A 338 -11.81 15.87 25.91
C GLY A 338 -13.32 15.88 25.88
N GLN A 339 -13.93 15.57 24.74
CA GLN A 339 -15.38 15.48 24.62
C GLN A 339 -15.78 14.03 24.38
N ASN A 340 -17.02 13.71 24.76
CA ASN A 340 -17.57 12.37 24.64
C ASN A 340 -18.71 12.37 23.64
N TYR A 341 -18.75 11.37 22.76
CA TYR A 341 -19.73 11.29 21.69
C TYR A 341 -20.52 10.00 21.83
N GLU A 342 -21.79 10.12 22.17
CA GLU A 342 -22.65 8.98 22.41
C GLU A 342 -23.31 8.50 21.13
N LEU A 343 -23.49 7.18 21.03
CA LEU A 343 -24.29 6.56 19.99
C LEU A 343 -25.25 5.59 20.66
N HIS A 344 -26.54 5.91 20.64
CA HIS A 344 -27.54 5.02 21.18
C HIS A 344 -27.79 3.86 20.21
N PRO A 345 -28.26 2.73 20.72
CA PRO A 345 -28.43 1.53 19.85
C PRO A 345 -29.28 1.78 18.61
N GLU A 346 -30.26 2.68 18.68
CA GLU A 346 -31.05 3.00 17.50
C GLU A 346 -30.23 3.65 16.41
N LYS A 347 -29.09 4.25 16.77
CA LYS A 347 -28.27 5.02 15.83
C LYS A 347 -27.13 4.23 15.22
N TYR A 348 -26.55 3.26 15.94
CA TYR A 348 -25.47 2.45 15.40
C TYR A 348 -25.94 1.08 14.91
N ILE A 349 -27.24 0.92 14.67
CA ILE A 349 -27.79 -0.32 14.13
C ILE A 349 -28.72 0.04 12.97
N LEU A 350 -28.46 -0.55 11.81
CA LEU A 350 -29.21 -0.24 10.60
C LEU A 350 -30.37 -1.21 10.42
N LYS A 351 -31.44 -0.69 9.81
CA LYS A 351 -32.62 -1.49 9.47
C LYS A 351 -32.64 -1.70 7.96
N VAL A 352 -32.51 -2.95 7.53
CA VAL A 352 -32.40 -3.28 6.11
C VAL A 352 -33.55 -4.20 5.75
N SER A 353 -33.96 -4.13 4.48
CA SER A 353 -35.00 -5.01 3.98
C SER A 353 -34.39 -6.22 3.29
N LYS A 357 -38.75 -8.73 4.10
CA LYS A 357 -38.10 -8.89 5.39
C LYS A 357 -37.58 -7.55 5.90
N THR A 358 -37.60 -7.36 7.22
CA THR A 358 -36.96 -6.22 7.87
C THR A 358 -36.02 -6.77 8.94
N ILE A 359 -34.72 -6.69 8.67
CA ILE A 359 -33.70 -7.31 9.51
C ILE A 359 -32.74 -6.24 9.99
N CYS A 360 -32.37 -6.29 11.26
CA CYS A 360 -31.54 -5.28 11.90
C CYS A 360 -30.09 -5.72 11.92
N LEU A 361 -29.20 -4.87 11.38
CA LEU A 361 -27.79 -5.20 11.23
C LEU A 361 -26.94 -4.27 12.08
N SER A 362 -25.83 -4.80 12.59
CA SER A 362 -24.90 -4.02 13.39
C SER A 362 -24.13 -3.03 12.52
N GLY A 363 -23.95 -1.82 13.04
CA GLY A 363 -23.21 -0.79 12.34
C GLY A 363 -21.71 -0.90 12.43
N PHE A 364 -21.20 -1.91 13.12
CA PHE A 364 -19.76 -2.10 13.29
C PHE A 364 -19.25 -3.20 12.39
N MET A 365 -18.03 -3.03 11.90
CA MET A 365 -17.38 -4.00 11.03
C MET A 365 -15.93 -4.16 11.45
N GLY A 366 -15.47 -5.40 11.53
CA GLY A 366 -14.08 -5.68 11.90
C GLY A 366 -13.20 -5.79 10.68
N MET A 367 -12.13 -5.02 10.66
CA MET A 367 -11.17 -5.07 9.57
C MET A 367 -9.82 -4.58 10.08
N ASP A 368 -8.80 -5.42 9.95
CA ASP A 368 -7.44 -5.07 10.36
C ASP A 368 -6.79 -4.27 9.24
N ILE A 369 -6.65 -2.97 9.43
CA ILE A 369 -5.88 -2.12 8.52
C ILE A 369 -4.42 -2.23 8.97
N PRO A 370 -3.53 -2.72 8.12
CA PRO A 370 -2.15 -2.99 8.57
C PRO A 370 -1.32 -1.73 8.51
N PRO A 371 -0.18 -1.71 9.19
CA PRO A 371 0.74 -0.57 9.08
C PRO A 371 1.26 -0.44 7.66
N PRO A 372 1.73 0.75 7.26
CA PRO A 372 1.92 1.97 8.05
C PRO A 372 0.65 2.80 8.31
N SER A 373 -0.42 2.57 7.55
CA SER A 373 -1.63 3.36 7.74
C SER A 373 -2.35 2.96 9.03
N GLY A 374 -2.51 1.66 9.27
CA GLY A 374 -3.20 1.17 10.44
C GLY A 374 -2.26 0.80 11.56
N PRO A 375 -2.81 0.29 12.69
CA PRO A 375 -4.24 0.03 12.90
C PRO A 375 -5.05 1.30 13.11
N LEU A 376 -6.29 1.31 12.63
CA LEU A 376 -7.13 2.49 12.65
C LEU A 376 -8.56 2.13 12.96
N TRP A 377 -9.24 3.04 13.65
CA TRP A 377 -10.69 3.05 13.70
C TRP A 377 -11.19 4.02 12.63
N ILE A 378 -12.26 3.63 11.95
CA ILE A 378 -12.85 4.46 10.90
C ILE A 378 -14.22 4.92 11.40
N LEU A 379 -14.33 6.22 11.67
CA LEU A 379 -15.62 6.83 11.99
C LEU A 379 -16.29 7.16 10.65
N GLY A 380 -17.03 6.18 10.13
CA GLY A 380 -17.64 6.29 8.81
C GLY A 380 -18.96 7.02 8.83
N ASP A 381 -19.80 6.70 7.83
CA ASP A 381 -21.05 7.42 7.65
C ASP A 381 -22.00 7.24 8.83
N VAL A 382 -21.86 6.13 9.56
CA VAL A 382 -22.70 5.93 10.75
C VAL A 382 -22.43 7.03 11.78
N PHE A 383 -21.15 7.34 12.02
CA PHE A 383 -20.79 8.35 12.98
C PHE A 383 -21.06 9.75 12.45
N ILE A 384 -20.74 10.01 11.18
CA ILE A 384 -20.92 11.33 10.61
C ILE A 384 -22.39 11.65 10.42
N GLY A 385 -23.19 10.64 10.04
CA GLY A 385 -24.62 10.83 9.96
C GLY A 385 -25.27 11.18 11.27
N CYS A 386 -24.58 10.94 12.39
CA CYS A 386 -25.08 11.28 13.71
C CYS A 386 -24.44 12.53 14.28
N TYR A 387 -23.28 12.95 13.77
CA TYR A 387 -22.61 14.17 14.20
C TYR A 387 -22.18 14.95 12.97
N TYR A 388 -22.77 16.13 12.79
CA TYR A 388 -22.34 17.05 11.74
C TYR A 388 -20.83 17.26 11.83
N THR A 389 -20.14 17.03 10.72
CA THR A 389 -18.68 17.02 10.71
C THR A 389 -18.16 18.18 9.87
N VAL A 390 -17.19 18.91 10.42
CA VAL A 390 -16.52 20.01 9.72
C VAL A 390 -15.07 19.63 9.53
N PHE A 391 -14.61 19.67 8.28
CA PHE A 391 -13.21 19.43 7.96
C PHE A 391 -12.55 20.77 7.68
N ASP A 392 -11.51 21.08 8.45
CA ASP A 392 -10.91 22.40 8.49
C ASP A 392 -9.44 22.29 8.10
N ARG A 393 -9.09 22.79 6.92
CA ARG A 393 -7.71 22.78 6.45
C ARG A 393 -6.93 24.01 6.88
N GLU A 394 -7.60 25.08 7.31
CA GLU A 394 -6.90 26.27 7.77
C GLU A 394 -6.15 25.99 9.08
N TYR A 395 -6.81 25.30 10.01
CA TYR A 395 -6.21 24.98 11.30
C TYR A 395 -5.98 23.49 11.49
N ASN A 396 -6.17 22.68 10.44
CA ASN A 396 -5.95 21.24 10.47
C ASN A 396 -6.65 20.60 11.66
N ARG A 397 -7.98 20.61 11.60
CA ARG A 397 -8.80 20.12 12.70
C ARG A 397 -10.14 19.65 12.17
N VAL A 398 -10.79 18.81 12.97
CA VAL A 398 -12.11 18.26 12.64
C VAL A 398 -13.08 18.68 13.74
N GLY A 399 -14.27 19.13 13.32
CA GLY A 399 -15.30 19.58 14.25
C GLY A 399 -16.49 18.64 14.25
N PHE A 400 -17.13 18.52 15.42
CA PHE A 400 -18.30 17.67 15.59
C PHE A 400 -19.40 18.42 16.32
N ALA A 401 -20.63 18.12 15.95
CA ALA A 401 -21.81 18.66 16.62
C ALA A 401 -22.98 17.74 16.33
N LYS A 402 -23.86 17.59 17.32
CA LYS A 402 -25.03 16.73 17.17
C LYS A 402 -25.86 17.17 15.98
N ALA A 403 -26.07 16.26 15.03
CA ALA A 403 -26.80 16.59 13.81
C ALA A 403 -28.30 16.73 14.09
N ALA A 404 -28.93 17.68 13.40
CA ALA A 404 -30.35 17.92 13.57
C ALA A 404 -31.16 16.81 12.91
N THR A 405 -32.16 16.31 13.63
CA THR A 405 -33.07 15.32 13.08
C THR A 405 -34.51 15.81 13.16
N LEU A 406 -35.47 14.89 13.16
CA LEU A 406 -36.87 15.25 13.21
C LEU A 406 -37.65 14.31 14.13
N GLU B 64 18.68 -31.68 6.89
CA GLU B 64 19.87 -30.83 6.97
C GLU B 64 19.72 -29.57 6.12
N PRO B 65 20.21 -28.45 6.63
CA PRO B 65 20.12 -27.20 5.88
C PRO B 65 20.91 -27.24 4.59
N VAL B 66 20.40 -26.53 3.58
CA VAL B 66 20.98 -26.51 2.24
C VAL B 66 21.75 -25.22 2.04
N SER B 67 22.94 -25.34 1.44
CA SER B 67 23.80 -24.18 1.17
C SER B 67 23.67 -23.78 -0.30
N GLU B 68 23.31 -22.53 -0.54
CA GLU B 68 23.18 -21.97 -1.88
C GLU B 68 24.26 -20.90 -2.05
N LEU B 69 25.32 -21.26 -2.77
CA LEU B 69 26.29 -20.24 -3.17
C LEU B 69 25.61 -19.15 -3.98
N LEU B 70 26.11 -17.92 -3.83
CA LEU B 70 25.58 -16.79 -4.58
C LEU B 70 26.73 -16.09 -5.31
N LYS B 71 26.42 -15.58 -6.49
CA LYS B 71 27.35 -14.75 -7.25
C LYS B 71 27.02 -13.28 -6.99
N ASN B 72 28.05 -12.46 -6.89
CA ASN B 72 27.92 -11.04 -6.60
C ASN B 72 28.39 -10.24 -7.81
N TYR B 73 27.51 -9.43 -8.37
CA TYR B 73 27.83 -8.59 -9.52
C TYR B 73 27.82 -7.13 -9.08
N LEU B 74 29.02 -6.57 -8.88
CA LEU B 74 29.21 -5.15 -8.61
C LEU B 74 28.39 -4.67 -7.42
N ASP B 75 28.24 -5.54 -6.42
CA ASP B 75 27.51 -5.26 -5.18
C ASP B 75 26.04 -4.91 -5.41
N ALA B 76 25.54 -5.07 -6.63
CA ALA B 76 24.17 -4.67 -6.96
C ALA B 76 23.25 -5.85 -7.21
N GLN B 77 23.76 -6.99 -7.68
CA GLN B 77 22.95 -8.15 -7.99
C GLN B 77 23.55 -9.38 -7.32
N TYR B 78 22.70 -10.13 -6.62
CA TYR B 78 23.10 -11.37 -5.97
C TYR B 78 22.18 -12.49 -6.45
N TYR B 79 22.76 -13.50 -7.10
CA TYR B 79 21.98 -14.54 -7.74
C TYR B 79 22.66 -15.89 -7.58
N GLY B 80 21.86 -16.94 -7.47
CA GLY B 80 22.35 -18.29 -7.38
C GLY B 80 21.78 -19.16 -8.48
N GLU B 81 22.07 -20.46 -8.45
CA GLU B 81 21.62 -21.39 -9.48
C GLU B 81 20.55 -22.32 -8.93
N ILE B 82 19.53 -22.56 -9.75
CA ILE B 82 18.49 -23.55 -9.48
C ILE B 82 18.26 -24.35 -10.76
N GLY B 83 17.53 -25.45 -10.61
CA GLY B 83 17.16 -26.28 -11.74
C GLY B 83 15.65 -26.37 -11.86
N ILE B 84 15.18 -26.52 -13.09
CA ILE B 84 13.75 -26.70 -13.37
C ILE B 84 13.60 -27.81 -14.39
N GLY B 85 13.02 -28.93 -13.97
CA GLY B 85 12.72 -30.03 -14.87
C GLY B 85 13.55 -31.26 -14.56
N THR B 86 13.29 -32.31 -15.35
CA THR B 86 14.05 -33.56 -15.30
C THR B 86 14.46 -33.92 -16.72
N PRO B 87 15.75 -33.84 -17.08
CA PRO B 87 16.84 -33.40 -16.21
C PRO B 87 16.79 -31.90 -15.94
N PRO B 88 17.30 -31.48 -14.78
CA PRO B 88 17.21 -30.06 -14.39
C PRO B 88 17.86 -29.15 -15.42
N GLN B 89 17.15 -28.09 -15.79
CA GLN B 89 17.68 -27.02 -16.61
C GLN B 89 18.09 -25.89 -15.68
N CYS B 90 19.38 -25.53 -15.69
CA CYS B 90 19.89 -24.58 -14.73
C CYS B 90 19.49 -23.16 -15.08
N PHE B 91 19.03 -22.42 -14.08
CA PHE B 91 18.69 -21.02 -14.21
C PHE B 91 19.32 -20.24 -13.06
N THR B 92 19.67 -18.99 -13.33
CA THR B 92 20.13 -18.07 -12.30
C THR B 92 18.96 -17.20 -11.85
N VAL B 93 18.71 -17.19 -10.54
CA VAL B 93 17.58 -16.46 -9.98
C VAL B 93 18.08 -15.61 -8.81
N VAL B 94 17.40 -14.50 -8.58
CA VAL B 94 17.61 -13.70 -7.38
C VAL B 94 16.62 -14.17 -6.33
N PHE B 95 17.13 -14.73 -5.23
CA PHE B 95 16.28 -15.18 -4.14
C PHE B 95 15.74 -13.94 -3.42
N ASP B 96 14.53 -13.54 -3.80
CA ASP B 96 14.01 -12.21 -3.54
C ASP B 96 12.95 -12.26 -2.45
N THR B 97 13.22 -11.58 -1.34
CA THR B 97 12.25 -11.46 -0.25
C THR B 97 11.23 -10.36 -0.50
N GLY B 98 11.31 -9.66 -1.63
CA GLY B 98 10.37 -8.62 -1.98
C GLY B 98 9.27 -9.05 -2.93
N SER B 99 9.23 -10.34 -3.29
CA SER B 99 8.17 -10.90 -4.13
C SER B 99 7.88 -12.31 -3.61
N SER B 100 6.98 -13.01 -4.31
CA SER B 100 6.61 -14.35 -3.88
C SER B 100 6.37 -15.31 -5.04
N ASN B 101 6.71 -14.92 -6.28
CA ASN B 101 6.53 -15.78 -7.43
C ASN B 101 7.87 -16.25 -7.95
N LEU B 102 7.87 -17.43 -8.57
CA LEU B 102 9.02 -17.96 -9.29
C LEU B 102 8.74 -17.89 -10.77
N TRP B 103 9.66 -17.30 -11.53
CA TRP B 103 9.50 -17.24 -12.98
C TRP B 103 10.85 -17.20 -13.66
N VAL B 104 10.90 -17.80 -14.85
CA VAL B 104 12.05 -17.78 -15.74
C VAL B 104 11.55 -17.58 -17.16
N PRO B 105 12.43 -17.15 -18.08
CA PRO B 105 12.01 -16.99 -19.47
C PRO B 105 11.65 -18.33 -20.11
N SER B 106 10.90 -18.25 -21.20
CA SER B 106 10.39 -19.42 -21.90
C SER B 106 11.00 -19.54 -23.29
N ILE B 107 10.98 -20.77 -23.81
CA ILE B 107 11.34 -21.01 -25.21
C ILE B 107 10.40 -20.26 -26.13
N HIS B 108 9.12 -20.19 -25.76
CA HIS B 108 8.08 -19.63 -26.63
C HIS B 108 8.02 -18.10 -26.58
N CYS B 109 9.15 -17.43 -26.38
CA CYS B 109 9.16 -15.98 -26.51
C CYS B 109 9.21 -15.59 -27.98
N LYS B 110 8.80 -14.35 -28.25
CA LYS B 110 8.75 -13.87 -29.62
C LYS B 110 10.16 -13.55 -30.11
N LEU B 111 10.52 -14.11 -31.27
CA LEU B 111 11.90 -14.08 -31.74
C LEU B 111 12.40 -12.67 -32.03
N LEU B 112 11.49 -11.70 -32.16
CA LEU B 112 11.89 -10.33 -32.44
C LEU B 112 12.01 -9.48 -31.18
N ASP B 113 11.63 -10.01 -30.02
CA ASP B 113 11.86 -9.32 -28.76
C ASP B 113 13.27 -9.59 -28.27
N ILE B 114 13.91 -8.57 -27.71
CA ILE B 114 15.31 -8.71 -27.33
C ILE B 114 15.46 -9.63 -26.12
N ALA B 115 14.48 -9.62 -25.20
CA ALA B 115 14.55 -10.49 -24.03
C ALA B 115 14.59 -11.96 -24.41
N CYS B 116 14.12 -12.30 -25.61
CA CYS B 116 14.15 -13.66 -26.15
C CYS B 116 15.56 -14.07 -26.58
N TRP B 117 16.57 -13.24 -26.37
CA TRP B 117 17.94 -13.55 -26.78
C TRP B 117 18.96 -13.29 -25.67
N VAL B 118 18.53 -13.13 -24.43
CA VAL B 118 19.39 -12.65 -23.35
C VAL B 118 19.69 -13.76 -22.35
N HIS B 119 18.68 -14.50 -21.91
CA HIS B 119 18.82 -15.40 -20.77
C HIS B 119 18.50 -16.83 -21.15
N HIS B 120 18.88 -17.74 -20.25
CA HIS B 120 18.49 -19.14 -20.39
C HIS B 120 16.98 -19.26 -20.36
N LYS B 121 16.46 -20.25 -21.09
CA LYS B 121 15.03 -20.39 -21.28
C LYS B 121 14.58 -21.80 -20.93
N TYR B 122 13.30 -21.91 -20.57
CA TYR B 122 12.72 -23.16 -20.13
C TYR B 122 12.02 -23.85 -21.30
N ASN B 123 12.40 -25.10 -21.55
CA ASN B 123 11.85 -25.89 -22.65
C ASN B 123 11.10 -27.07 -22.03
N SER B 124 9.78 -26.92 -21.88
CA SER B 124 8.98 -27.95 -21.21
C SER B 124 8.96 -29.26 -21.98
N ASP B 125 9.36 -29.26 -23.25
CA ASP B 125 9.42 -30.52 -24.00
C ASP B 125 10.53 -31.43 -23.47
N LYS B 126 11.61 -30.85 -22.94
CA LYS B 126 12.75 -31.60 -22.46
C LYS B 126 12.61 -32.04 -21.00
N SER B 127 11.39 -32.04 -20.45
CA SER B 127 11.18 -32.34 -19.05
C SER B 127 10.14 -33.44 -18.92
N SER B 128 10.45 -34.44 -18.08
CA SER B 128 9.54 -35.55 -17.84
C SER B 128 8.50 -35.24 -16.77
N THR B 129 8.77 -34.28 -15.89
CA THR B 129 7.89 -33.96 -14.78
C THR B 129 7.02 -32.73 -15.05
N TYR B 130 7.06 -32.20 -16.27
CA TYR B 130 6.31 -30.98 -16.57
C TYR B 130 4.82 -31.28 -16.69
N VAL B 131 4.02 -30.61 -15.86
CA VAL B 131 2.57 -30.64 -15.94
C VAL B 131 2.10 -29.25 -16.37
N LYS B 132 1.26 -29.19 -17.39
CA LYS B 132 0.84 -27.90 -17.91
C LYS B 132 -0.31 -27.33 -17.08
N ASN B 133 -0.24 -26.03 -16.83
CA ASN B 133 -1.30 -25.26 -16.18
C ASN B 133 -1.93 -24.24 -17.10
N GLY B 134 -1.12 -23.54 -17.90
CA GLY B 134 -1.61 -22.71 -18.98
C GLY B 134 -2.19 -21.37 -18.58
N THR B 135 -2.48 -21.15 -17.30
CA THR B 135 -3.07 -19.89 -16.87
C THR B 135 -2.11 -18.74 -17.12
N SER B 136 -2.59 -17.70 -17.81
CA SER B 136 -1.75 -16.57 -18.15
C SER B 136 -1.60 -15.64 -16.94
N PHE B 137 -0.40 -15.11 -16.77
CA PHE B 137 -0.12 -14.13 -15.73
C PHE B 137 0.43 -12.85 -16.37
N ASP B 138 0.34 -11.76 -15.62
CA ASP B 138 0.97 -10.50 -16.00
C ASP B 138 1.32 -9.75 -14.74
N ILE B 139 2.58 -9.36 -14.63
CA ILE B 139 3.13 -8.76 -13.41
C ILE B 139 3.61 -7.36 -13.73
N HIS B 140 3.27 -6.41 -12.86
CA HIS B 140 3.73 -5.03 -12.98
C HIS B 140 4.46 -4.62 -11.70
N TYR B 141 5.42 -3.73 -11.85
CA TYR B 141 6.14 -3.17 -10.71
C TYR B 141 6.83 -1.88 -11.16
N GLY B 142 7.80 -1.42 -10.37
CA GLY B 142 8.45 -0.14 -10.63
C GLY B 142 9.24 -0.07 -11.92
N SER B 143 10.26 -0.93 -12.06
CA SER B 143 11.11 -0.85 -13.23
C SER B 143 10.36 -1.21 -14.51
N GLY B 144 9.48 -2.20 -14.45
CA GLY B 144 8.75 -2.60 -15.64
C GLY B 144 7.69 -3.65 -15.41
N SER B 145 7.50 -4.52 -16.40
CA SER B 145 6.44 -5.52 -16.37
C SER B 145 6.88 -6.75 -17.14
N LEU B 146 6.12 -7.83 -16.98
CA LEU B 146 6.34 -9.06 -17.72
C LEU B 146 5.08 -9.91 -17.67
N SER B 147 4.92 -10.77 -18.67
CA SER B 147 3.74 -11.62 -18.76
C SER B 147 4.14 -12.96 -19.37
N GLY B 148 3.33 -13.97 -19.07
CA GLY B 148 3.53 -15.30 -19.58
C GLY B 148 2.40 -16.24 -19.19
N TYR B 149 2.72 -17.51 -18.91
CA TYR B 149 1.71 -18.44 -18.42
C TYR B 149 2.34 -19.38 -17.41
N LEU B 150 1.49 -20.01 -16.61
CA LEU B 150 1.95 -20.88 -15.53
C LEU B 150 2.27 -22.27 -16.03
N SER B 151 3.25 -22.90 -15.39
CA SER B 151 3.60 -24.29 -15.63
C SER B 151 3.82 -24.96 -14.27
N GLN B 152 3.98 -26.28 -14.30
CA GLN B 152 4.26 -27.06 -13.12
C GLN B 152 5.42 -27.99 -13.40
N ASP B 153 6.37 -28.06 -12.46
CA ASP B 153 7.57 -28.85 -12.65
C ASP B 153 8.27 -28.99 -11.30
N THR B 154 9.41 -29.67 -11.31
CA THR B 154 10.23 -29.86 -10.13
C THR B 154 11.40 -28.88 -10.17
N VAL B 155 11.62 -28.18 -9.06
CA VAL B 155 12.70 -27.19 -8.96
C VAL B 155 13.77 -27.74 -8.02
N SER B 156 15.03 -27.62 -8.44
CA SER B 156 16.15 -28.17 -7.71
C SER B 156 16.97 -27.02 -7.12
N VAL B 157 17.33 -27.15 -5.85
CA VAL B 157 18.15 -26.15 -5.16
C VAL B 157 19.29 -26.87 -4.44
N PRO B 158 20.53 -26.80 -4.94
CA PRO B 158 20.96 -26.13 -6.18
C PRO B 158 20.60 -26.91 -7.44
N CYS B 159 21.09 -26.45 -8.59
CA CYS B 159 20.77 -27.11 -9.85
C CYS B 159 21.33 -28.53 -9.89
N LYS B 160 22.56 -28.71 -9.44
CA LYS B 160 23.22 -30.02 -9.46
C LYS B 160 22.56 -30.99 -8.48
N GLY B 164 23.47 -32.93 -0.77
CA GLY B 164 23.12 -31.74 -0.01
C GLY B 164 21.87 -31.06 -0.54
N GLY B 165 21.74 -31.00 -1.86
CA GLY B 165 20.62 -30.32 -2.47
C GLY B 165 19.30 -31.03 -2.23
N ILE B 166 18.23 -30.37 -2.65
CA ILE B 166 16.86 -30.85 -2.48
C ILE B 166 16.12 -30.73 -3.80
N LYS B 167 14.96 -31.38 -3.86
CA LYS B 167 14.09 -31.32 -5.03
C LYS B 167 12.68 -30.99 -4.56
N VAL B 168 12.16 -29.84 -4.97
CA VAL B 168 10.81 -29.42 -4.65
C VAL B 168 9.93 -29.87 -5.81
N GLU B 169 9.07 -30.87 -5.56
CA GLU B 169 8.28 -31.45 -6.63
C GLU B 169 7.00 -30.67 -6.87
N LYS B 170 6.55 -30.65 -8.14
CA LYS B 170 5.27 -30.04 -8.55
C LYS B 170 5.19 -28.55 -8.18
N GLN B 171 6.31 -27.85 -8.29
CA GLN B 171 6.26 -26.40 -8.10
C GLN B 171 5.64 -25.74 -9.32
N ILE B 172 4.86 -24.69 -9.05
CA ILE B 172 4.14 -23.95 -10.08
C ILE B 172 4.82 -22.60 -10.26
N PHE B 173 5.13 -22.25 -11.50
CA PHE B 173 5.95 -21.09 -11.81
C PHE B 173 5.54 -20.52 -13.15
N GLY B 174 6.12 -19.36 -13.46
CA GLY B 174 5.77 -18.62 -14.66
C GLY B 174 6.82 -18.76 -15.75
N GLU B 175 6.36 -19.14 -16.94
CA GLU B 175 7.17 -19.04 -18.15
C GLU B 175 6.95 -17.65 -18.74
N ALA B 176 7.96 -16.79 -18.62
CA ALA B 176 7.86 -15.45 -19.16
C ALA B 176 7.93 -15.49 -20.69
N THR B 177 6.85 -15.08 -21.35
CA THR B 177 6.80 -15.04 -22.80
C THR B 177 7.00 -13.64 -23.38
N LYS B 178 6.78 -12.60 -22.57
CA LYS B 178 7.04 -11.23 -22.99
C LYS B 178 7.65 -10.46 -21.83
N GLN B 179 8.75 -9.77 -22.10
CA GLN B 179 9.46 -8.98 -21.09
C GLN B 179 9.80 -7.62 -21.67
N PRO B 180 8.86 -6.69 -21.66
CA PRO B 180 9.13 -5.36 -22.22
C PRO B 180 10.08 -4.56 -21.33
N GLY B 181 10.66 -3.53 -21.93
CA GLY B 181 11.57 -2.65 -21.24
C GLY B 181 13.03 -2.99 -21.53
N VAL B 182 13.90 -2.05 -21.19
CA VAL B 182 15.34 -2.23 -21.32
C VAL B 182 15.98 -2.68 -20.01
N VAL B 183 15.16 -2.97 -18.99
CA VAL B 183 15.71 -3.30 -17.68
C VAL B 183 16.22 -4.75 -17.65
N PHE B 184 15.61 -5.65 -18.41
CA PHE B 184 15.98 -7.05 -18.35
C PHE B 184 17.31 -7.36 -19.03
N ILE B 185 17.88 -6.39 -19.75
CA ILE B 185 19.17 -6.63 -20.40
C ILE B 185 20.32 -6.43 -19.40
N ALA B 186 20.17 -5.48 -18.48
CA ALA B 186 21.22 -5.25 -17.49
C ALA B 186 21.30 -6.36 -16.47
N ALA B 187 20.22 -7.08 -16.23
CA ALA B 187 20.19 -8.14 -15.24
C ALA B 187 21.04 -9.32 -15.70
N LYS B 188 22.02 -9.70 -14.89
CA LYS B 188 22.86 -10.86 -15.18
C LYS B 188 22.22 -12.17 -14.78
N PHE B 189 20.96 -12.16 -14.33
CA PHE B 189 20.26 -13.35 -13.88
C PHE B 189 19.04 -13.60 -14.76
N ASP B 190 18.62 -14.87 -14.81
CA ASP B 190 17.55 -15.27 -15.70
C ASP B 190 16.17 -14.90 -15.15
N GLY B 191 15.92 -15.22 -13.88
CA GLY B 191 14.60 -14.98 -13.31
C GLY B 191 14.61 -14.64 -11.84
N ILE B 192 13.49 -14.87 -11.17
CA ILE B 192 13.30 -14.49 -9.77
C ILE B 192 12.62 -15.63 -9.03
N LEU B 193 13.09 -15.91 -7.81
CA LEU B 193 12.44 -16.84 -6.90
C LEU B 193 12.00 -16.04 -5.68
N GLY B 194 10.74 -15.63 -5.67
CA GLY B 194 10.23 -14.82 -4.57
C GLY B 194 10.16 -15.62 -3.29
N MET B 195 10.63 -15.03 -2.19
CA MET B 195 10.64 -15.68 -0.88
C MET B 195 9.86 -14.87 0.15
N GLY B 196 8.85 -14.12 -0.30
CA GLY B 196 7.98 -13.38 0.58
C GLY B 196 6.81 -14.22 1.04
N TYR B 197 5.86 -13.56 1.70
CA TYR B 197 4.67 -14.21 2.21
C TYR B 197 3.68 -14.49 1.08
N PRO B 198 2.78 -15.47 1.27
CA PRO B 198 1.85 -15.81 0.19
C PRO B 198 0.88 -14.70 -0.18
N PHE B 199 0.70 -13.69 0.68
CA PHE B 199 -0.32 -12.69 0.43
C PHE B 199 -0.04 -11.85 -0.82
N ILE B 200 1.22 -11.73 -1.22
CA ILE B 200 1.60 -10.89 -2.36
C ILE B 200 1.92 -11.70 -3.59
N SER B 201 1.63 -13.01 -3.59
CA SER B 201 1.91 -13.86 -4.74
C SER B 201 0.86 -13.63 -5.81
N VAL B 202 1.30 -13.24 -7.01
CA VAL B 202 0.37 -13.02 -8.11
C VAL B 202 -0.30 -14.32 -8.49
N ASN B 203 -1.61 -14.28 -8.69
CA ASN B 203 -2.45 -15.44 -8.96
C ASN B 203 -2.43 -16.46 -7.83
N ASN B 204 -2.03 -16.01 -6.64
CA ASN B 204 -2.07 -16.82 -5.42
C ASN B 204 -1.39 -18.16 -5.61
N VAL B 205 -0.19 -18.11 -6.19
CA VAL B 205 0.61 -19.30 -6.42
C VAL B 205 1.40 -19.61 -5.16
N LEU B 206 1.36 -20.86 -4.72
CA LEU B 206 2.07 -21.28 -3.51
C LEU B 206 3.57 -21.05 -3.70
N PRO B 207 4.19 -20.18 -2.93
CA PRO B 207 5.61 -19.86 -3.15
C PRO B 207 6.50 -21.06 -2.91
N VAL B 208 7.73 -20.97 -3.42
CA VAL B 208 8.65 -22.11 -3.40
C VAL B 208 8.93 -22.56 -1.97
N PHE B 209 9.21 -21.61 -1.07
CA PHE B 209 9.55 -21.99 0.29
C PHE B 209 8.36 -22.54 1.05
N ASP B 210 7.15 -22.03 0.77
CA ASP B 210 5.95 -22.60 1.40
C ASP B 210 5.71 -24.01 0.90
N ASN B 211 5.77 -24.21 -0.41
CA ASN B 211 5.65 -25.56 -0.98
C ASN B 211 6.77 -26.47 -0.48
N LEU B 212 7.97 -25.89 -0.30
CA LEU B 212 9.10 -26.66 0.24
C LEU B 212 8.84 -27.12 1.66
N MET B 213 8.11 -26.31 2.44
CA MET B 213 7.89 -26.64 3.85
C MET B 213 6.75 -27.62 4.04
N LYS B 214 5.74 -27.61 3.15
CA LYS B 214 4.69 -28.61 3.25
C LYS B 214 5.21 -29.99 2.86
N GLN B 215 6.24 -30.04 2.02
CA GLN B 215 6.94 -31.29 1.74
C GLN B 215 7.96 -31.63 2.81
N LYS B 216 8.15 -30.74 3.79
CA LYS B 216 9.04 -30.96 4.93
C LYS B 216 10.42 -31.44 4.48
N LEU B 217 11.08 -30.61 3.68
CA LEU B 217 12.38 -30.93 3.11
C LEU B 217 13.55 -30.32 3.87
N VAL B 218 13.29 -29.38 4.78
CA VAL B 218 14.30 -28.87 5.69
C VAL B 218 13.78 -29.00 7.11
N GLU B 219 14.70 -28.90 8.07
CA GLU B 219 14.34 -29.13 9.47
C GLU B 219 13.60 -27.92 10.05
N LYS B 220 14.21 -26.75 10.02
CA LYS B 220 13.60 -25.53 10.55
C LYS B 220 13.02 -24.69 9.42
N ASN B 221 11.86 -24.08 9.70
CA ASN B 221 11.14 -23.27 8.72
C ASN B 221 11.69 -21.84 8.69
N ILE B 222 12.99 -21.75 8.36
CA ILE B 222 13.69 -20.48 8.27
C ILE B 222 14.63 -20.50 7.07
N PHE B 223 15.06 -19.31 6.66
CA PHE B 223 16.12 -19.17 5.69
C PHE B 223 16.90 -17.90 5.97
N SER B 224 18.21 -17.95 5.74
CA SER B 224 19.13 -16.89 6.14
C SER B 224 19.98 -16.45 4.95
N PHE B 225 20.33 -15.17 4.95
CA PHE B 225 21.06 -14.54 3.87
C PHE B 225 22.38 -13.96 4.37
N TYR B 226 23.47 -14.34 3.70
CA TYR B 226 24.74 -13.63 3.80
C TYR B 226 25.05 -13.04 2.44
N LEU B 227 25.29 -11.73 2.40
CA LEU B 227 25.64 -11.03 1.18
C LEU B 227 27.01 -10.40 1.36
N ASN B 228 27.99 -10.88 0.60
CA ASN B 228 29.34 -10.34 0.68
C ASN B 228 29.37 -8.97 0.01
N ARG B 229 29.79 -7.95 0.75
CA ARG B 229 29.89 -6.59 0.23
C ARG B 229 31.24 -6.29 -0.39
N ASP B 230 32.16 -7.25 -0.38
CA ASP B 230 33.42 -7.10 -1.10
C ASP B 230 33.20 -7.59 -2.53
N PRO B 231 33.19 -6.70 -3.54
CA PRO B 231 32.83 -7.13 -4.89
C PRO B 231 33.74 -8.20 -5.46
N THR B 232 34.98 -8.30 -5.00
CA THR B 232 35.94 -9.26 -5.52
C THR B 232 36.11 -10.49 -4.63
N GLY B 233 35.58 -10.47 -3.42
CA GLY B 233 35.72 -11.59 -2.52
C GLY B 233 34.91 -12.79 -2.96
N GLN B 234 35.11 -13.90 -2.24
CA GLN B 234 34.44 -15.16 -2.54
C GLN B 234 33.93 -15.79 -1.25
N PRO B 235 32.70 -16.33 -1.25
CA PRO B 235 31.80 -16.26 -2.41
C PRO B 235 31.09 -14.92 -2.48
N GLY B 236 30.22 -14.74 -3.47
CA GLY B 236 29.41 -13.53 -3.51
C GLY B 236 28.40 -13.46 -2.39
N GLY B 237 28.01 -14.62 -1.87
CA GLY B 237 27.03 -14.67 -0.81
C GLY B 237 26.60 -16.11 -0.57
N GLU B 238 25.61 -16.27 0.30
CA GLU B 238 25.11 -17.61 0.60
C GLU B 238 23.69 -17.51 1.15
N LEU B 239 22.76 -18.20 0.49
CA LEU B 239 21.43 -18.41 1.03
C LEU B 239 21.39 -19.74 1.77
N MET B 240 20.88 -19.71 3.00
CA MET B 240 20.90 -20.87 3.89
C MET B 240 19.46 -21.28 4.18
N LEU B 241 18.98 -22.31 3.48
CA LEU B 241 17.62 -22.81 3.66
C LEU B 241 17.59 -23.81 4.81
N GLY B 242 16.82 -23.50 5.85
CA GLY B 242 16.63 -24.41 6.96
C GLY B 242 17.53 -24.19 8.16
N GLY B 243 18.33 -23.14 8.16
CA GLY B 243 19.19 -22.88 9.29
C GLY B 243 19.94 -21.59 9.15
N THR B 244 20.94 -21.40 10.02
CA THR B 244 21.82 -20.26 10.00
C THR B 244 23.27 -20.74 9.92
N ASP B 245 24.14 -19.86 9.44
CA ASP B 245 25.57 -20.17 9.27
C ASP B 245 26.36 -19.22 10.16
N SER B 246 26.86 -19.73 11.29
CA SER B 246 27.63 -18.93 12.22
C SER B 246 28.96 -18.44 11.63
N ARG B 247 29.40 -19.01 10.51
CA ARG B 247 30.63 -18.56 9.88
C ARG B 247 30.54 -17.10 9.44
N TYR B 248 29.34 -16.63 9.11
CA TYR B 248 29.17 -15.36 8.43
C TYR B 248 28.54 -14.28 9.32
N TYR B 249 28.52 -14.48 10.64
CA TYR B 249 28.08 -13.41 11.52
C TYR B 249 28.71 -13.56 12.90
N HIS B 250 29.16 -12.44 13.45
CA HIS B 250 29.63 -12.34 14.82
C HIS B 250 28.46 -12.06 15.75
N GLY B 251 28.70 -12.26 17.05
CA GLY B 251 27.68 -11.97 18.03
C GLY B 251 26.47 -12.89 17.93
N GLU B 252 25.39 -12.47 18.59
CA GLU B 252 24.15 -13.21 18.64
C GLU B 252 23.04 -12.45 17.92
N LEU B 253 22.08 -13.18 17.39
CA LEU B 253 21.00 -12.59 16.60
C LEU B 253 20.03 -11.83 17.49
N SER B 254 19.45 -10.77 16.94
CA SER B 254 18.39 -9.99 17.57
C SER B 254 17.20 -9.92 16.63
N TYR B 255 16.00 -10.15 17.16
CA TYR B 255 14.83 -10.40 16.34
C TYR B 255 13.81 -9.27 16.41
N LEU B 256 13.09 -9.10 15.30
CA LEU B 256 11.99 -8.15 15.17
C LEU B 256 10.75 -8.90 14.74
N ASN B 257 9.61 -8.57 15.34
CA ASN B 257 8.35 -9.19 14.93
C ASN B 257 7.87 -8.59 13.61
N VAL B 258 7.43 -9.46 12.71
CA VAL B 258 6.86 -9.01 11.44
C VAL B 258 5.53 -8.33 11.71
N THR B 259 5.35 -7.14 11.12
CA THR B 259 4.13 -6.35 11.36
C THR B 259 3.07 -6.54 10.29
N ARG B 260 3.42 -7.04 9.10
CA ARG B 260 2.45 -7.42 8.10
C ARG B 260 3.00 -8.59 7.30
N LYS B 261 2.23 -9.68 7.25
CA LYS B 261 2.65 -10.91 6.56
C LYS B 261 2.34 -10.76 5.08
N ALA B 262 3.19 -9.98 4.39
CA ALA B 262 3.11 -9.79 2.95
C ALA B 262 4.52 -9.67 2.40
N TYR B 263 5.11 -8.49 2.54
CA TYR B 263 6.56 -8.39 2.53
C TYR B 263 7.09 -8.75 3.92
N TRP B 264 8.41 -8.88 4.03
CA TRP B 264 9.02 -9.08 5.34
C TRP B 264 9.14 -7.70 6.00
N GLN B 265 8.02 -7.28 6.59
CA GLN B 265 7.83 -5.92 7.06
C GLN B 265 8.00 -5.85 8.57
N VAL B 266 8.81 -4.89 9.02
CA VAL B 266 9.10 -4.68 10.44
C VAL B 266 8.87 -3.21 10.77
N HIS B 267 8.84 -2.92 12.06
CA HIS B 267 8.68 -1.54 12.52
C HIS B 267 10.04 -0.89 12.71
N MET B 268 10.17 0.34 12.25
CA MET B 268 11.37 1.15 12.44
C MET B 268 11.05 2.29 13.40
N ASP B 269 11.90 2.46 14.41
CA ASP B 269 11.65 3.49 15.41
C ASP B 269 12.00 4.88 14.89
N GLN B 270 13.22 5.05 14.38
CA GLN B 270 13.66 6.32 13.81
C GLN B 270 14.98 6.10 13.09
N LEU B 271 15.33 7.07 12.24
CA LEU B 271 16.58 7.05 11.49
C LEU B 271 17.36 8.30 11.85
N GLU B 272 18.53 8.12 12.47
CA GLU B 272 19.37 9.21 12.91
C GLU B 272 20.58 9.31 11.97
N VAL B 273 20.71 10.45 11.30
CA VAL B 273 21.84 10.72 10.42
C VAL B 273 22.79 11.61 11.20
N GLY B 274 23.76 10.99 11.88
CA GLY B 274 24.57 11.74 12.81
C GLY B 274 23.71 12.24 13.97
N SER B 275 23.92 13.49 14.35
CA SER B 275 23.14 14.11 15.42
C SER B 275 22.39 15.36 14.93
N GLU B 276 22.44 15.66 13.64
CA GLU B 276 21.84 16.87 13.12
C GLU B 276 20.51 16.65 12.40
N LEU B 277 20.21 15.42 12.00
CA LEU B 277 18.98 15.12 11.27
C LEU B 277 18.37 13.83 11.81
N THR B 278 17.04 13.80 11.88
CA THR B 278 16.29 12.63 12.33
C THR B 278 15.17 12.37 11.35
N LEU B 279 15.24 11.24 10.65
CA LEU B 279 14.19 10.80 9.75
C LEU B 279 13.36 9.70 10.41
N CYS B 280 12.24 9.35 9.77
CA CYS B 280 11.31 8.36 10.31
C CYS B 280 10.92 8.73 11.74
N LYS B 281 10.64 10.01 11.96
CA LYS B 281 10.26 10.48 13.28
C LYS B 281 8.90 9.93 13.67
N GLY B 282 8.79 9.49 14.92
CA GLY B 282 7.57 8.89 15.41
C GLY B 282 7.32 7.48 14.96
N GLY B 283 8.24 6.87 14.22
CA GLY B 283 8.05 5.51 13.76
C GLY B 283 7.60 5.45 12.33
N CYS B 284 7.96 4.35 11.66
CA CYS B 284 7.56 4.10 10.28
C CYS B 284 7.76 2.61 10.02
N GLU B 285 7.48 2.18 8.80
CA GLU B 285 7.53 0.78 8.42
C GLU B 285 8.65 0.54 7.42
N ALA B 286 9.26 -0.63 7.51
CA ALA B 286 10.37 -1.01 6.64
C ALA B 286 10.24 -2.48 6.26
N ILE B 287 10.67 -2.80 5.05
CA ILE B 287 10.69 -4.18 4.57
C ILE B 287 12.13 -4.59 4.31
N VAL B 288 12.45 -5.83 4.67
CA VAL B 288 13.78 -6.40 4.45
C VAL B 288 13.76 -7.09 3.10
N ASP B 289 14.39 -6.48 2.10
CA ASP B 289 14.24 -6.88 0.71
C ASP B 289 15.60 -7.18 0.11
N THR B 290 15.88 -8.47 -0.12
CA THR B 290 17.11 -8.88 -0.77
C THR B 290 17.13 -8.54 -2.26
N GLY B 291 15.99 -8.13 -2.83
CA GLY B 291 15.92 -7.84 -4.25
C GLY B 291 16.02 -6.37 -4.58
N THR B 292 16.51 -5.57 -3.64
CA THR B 292 16.75 -4.15 -3.85
C THR B 292 18.23 -3.86 -3.60
N SER B 293 18.88 -3.21 -4.58
CA SER B 293 20.30 -2.95 -4.46
C SER B 293 20.61 -1.99 -3.32
N LEU B 294 19.75 -0.99 -3.11
CA LEU B 294 20.09 0.15 -2.25
C LEU B 294 19.15 0.22 -1.05
N LEU B 295 19.39 1.24 -0.23
CA LEU B 295 18.48 1.63 0.85
C LEU B 295 17.53 2.69 0.32
N VAL B 296 16.22 2.43 0.47
CA VAL B 296 15.20 3.25 -0.15
C VAL B 296 14.35 3.89 0.93
N GLY B 297 14.01 5.16 0.74
CA GLY B 297 13.10 5.87 1.61
C GLY B 297 12.25 6.85 0.84
N PRO B 298 11.31 7.50 1.53
CA PRO B 298 10.49 8.51 0.86
C PRO B 298 11.35 9.60 0.22
N VAL B 299 10.85 10.13 -0.90
CA VAL B 299 11.64 11.05 -1.71
C VAL B 299 12.08 12.26 -0.90
N ASP B 300 11.18 12.81 -0.08
CA ASP B 300 11.48 14.04 0.63
C ASP B 300 12.47 13.82 1.76
N GLU B 301 12.38 12.69 2.47
CA GLU B 301 13.31 12.43 3.56
C GLU B 301 14.69 12.04 3.04
N VAL B 302 14.75 11.31 1.92
CA VAL B 302 16.05 10.99 1.33
C VAL B 302 16.76 12.26 0.86
N LYS B 303 15.99 13.21 0.34
CA LYS B 303 16.58 14.45 -0.18
C LYS B 303 17.29 15.22 0.93
N GLU B 304 16.68 15.30 2.11
CA GLU B 304 17.36 15.94 3.24
C GLU B 304 18.56 15.15 3.71
N LEU B 305 18.60 13.85 3.42
CA LEU B 305 19.76 13.04 3.79
C LEU B 305 20.92 13.27 2.84
N GLN B 306 20.64 13.44 1.55
CA GLN B 306 21.72 13.75 0.61
C GLN B 306 22.33 15.11 0.90
N LYS B 307 21.52 16.06 1.40
CA LYS B 307 22.07 17.33 1.83
C LYS B 307 22.91 17.18 3.09
N ALA B 308 22.43 16.40 4.06
CA ALA B 308 23.14 16.24 5.33
C ALA B 308 24.53 15.66 5.11
N ILE B 309 24.63 14.57 4.35
CA ILE B 309 25.93 13.95 4.07
C ILE B 309 26.72 14.72 3.02
N GLY B 310 26.11 15.68 2.35
CA GLY B 310 26.83 16.49 1.38
C GLY B 310 26.92 15.90 -0.01
N ALA B 311 25.94 15.10 -0.42
CA ALA B 311 25.96 14.47 -1.74
C ALA B 311 25.31 15.39 -2.77
N VAL B 312 25.77 15.26 -4.02
CA VAL B 312 25.30 16.10 -5.12
C VAL B 312 24.66 15.23 -6.20
N PRO B 313 23.64 15.70 -6.90
CA PRO B 313 22.95 14.84 -7.87
C PRO B 313 23.65 14.79 -9.21
N LEU B 314 23.72 13.58 -9.77
CA LEU B 314 24.23 13.38 -11.10
C LEU B 314 23.09 13.34 -12.10
N ILE B 315 23.45 13.40 -13.39
CA ILE B 315 22.44 13.35 -14.44
C ILE B 315 21.64 12.05 -14.35
N GLN B 316 22.29 10.96 -13.92
CA GLN B 316 21.65 9.66 -13.91
C GLN B 316 20.68 9.48 -12.75
N GLY B 317 20.59 10.45 -11.83
CA GLY B 317 19.80 10.31 -10.63
C GLY B 317 20.57 9.80 -9.43
N GLU B 318 21.82 9.38 -9.62
CA GLU B 318 22.70 9.01 -8.52
C GLU B 318 23.20 10.24 -7.78
N TYR B 319 23.69 10.00 -6.57
CA TYR B 319 24.19 11.07 -5.70
C TYR B 319 25.65 10.78 -5.36
N MET B 320 26.49 11.79 -5.53
CA MET B 320 27.93 11.61 -5.55
C MET B 320 28.55 12.26 -4.32
N ILE B 321 29.55 11.58 -3.76
CA ILE B 321 30.37 12.08 -2.67
C ILE B 321 31.83 12.00 -3.10
N PRO B 322 32.64 13.05 -2.88
CA PRO B 322 34.10 12.90 -3.07
C PRO B 322 34.64 11.82 -2.14
N CYS B 323 35.36 10.85 -2.73
CA CYS B 323 35.85 9.71 -1.97
C CYS B 323 36.79 10.14 -0.84
N GLU B 324 37.47 11.27 -1.01
CA GLU B 324 38.34 11.77 0.05
C GLU B 324 37.53 12.12 1.30
N LYS B 325 36.27 12.54 1.12
CA LYS B 325 35.43 12.99 2.23
C LYS B 325 34.63 11.87 2.88
N VAL B 326 34.70 10.64 2.37
CA VAL B 326 33.81 9.58 2.85
C VAL B 326 34.01 9.34 4.34
N SER B 327 35.27 9.26 4.77
CA SER B 327 35.54 8.97 6.18
C SER B 327 35.09 10.08 7.12
N SER B 328 34.79 11.27 6.61
CA SER B 328 34.31 12.36 7.43
C SER B 328 32.79 12.44 7.51
N LEU B 329 32.08 11.52 6.86
CA LEU B 329 30.64 11.54 6.84
C LEU B 329 30.06 10.97 8.14
N PRO B 330 28.82 11.31 8.47
CA PRO B 330 28.25 10.88 9.76
C PRO B 330 27.82 9.42 9.75
N ILE B 331 27.78 8.85 10.95
CA ILE B 331 27.25 7.51 11.13
C ILE B 331 25.72 7.56 11.06
N ILE B 332 25.15 6.71 10.22
CA ILE B 332 23.71 6.63 10.04
C ILE B 332 23.20 5.41 10.79
N THR B 333 22.25 5.64 11.71
CA THR B 333 21.82 4.61 12.65
C THR B 333 20.34 4.31 12.45
N PHE B 334 20.03 3.05 12.13
CA PHE B 334 18.67 2.56 12.10
C PHE B 334 18.33 1.99 13.47
N LYS B 335 17.25 2.49 14.08
CA LYS B 335 16.78 1.99 15.36
C LYS B 335 15.61 1.05 15.11
N LEU B 336 15.83 -0.25 15.33
CA LEU B 336 14.83 -1.28 15.08
C LEU B 336 14.72 -2.15 16.33
N GLY B 337 13.52 -2.21 16.90
CA GLY B 337 13.29 -3.05 18.08
C GLY B 337 14.10 -2.65 19.29
N GLY B 338 14.36 -1.35 19.47
CA GLY B 338 15.12 -0.87 20.59
C GLY B 338 16.62 -0.92 20.42
N GLN B 339 17.13 -1.67 19.45
CA GLN B 339 18.55 -1.81 19.21
C GLN B 339 19.00 -0.87 18.11
N ASN B 340 20.25 -0.44 18.18
CA ASN B 340 20.83 0.43 17.18
C ASN B 340 21.57 -0.38 16.12
N TYR B 341 21.36 -0.02 14.86
CA TYR B 341 22.03 -0.67 13.72
C TYR B 341 22.76 0.44 12.96
N GLU B 342 24.02 0.66 13.32
CA GLU B 342 24.80 1.73 12.71
C GLU B 342 25.47 1.24 11.43
N LEU B 343 25.63 2.17 10.49
CA LEU B 343 26.36 1.94 9.25
C LEU B 343 27.33 3.10 9.08
N HIS B 344 28.63 2.80 9.14
CA HIS B 344 29.61 3.82 8.88
C HIS B 344 29.60 4.20 7.41
N PRO B 345 30.10 5.38 7.06
CA PRO B 345 30.09 5.79 5.64
C PRO B 345 30.79 4.82 4.71
N GLU B 346 31.71 4.00 5.22
CA GLU B 346 32.36 3.01 4.38
C GLU B 346 31.38 1.94 3.92
N LYS B 347 30.24 1.80 4.60
CA LYS B 347 29.26 0.78 4.28
C LYS B 347 28.05 1.30 3.53
N TYR B 348 27.62 2.54 3.79
CA TYR B 348 26.47 3.09 3.08
C TYR B 348 26.87 3.98 1.91
N ILE B 349 28.17 4.14 1.64
CA ILE B 349 28.64 4.78 0.42
C ILE B 349 29.18 3.68 -0.49
N LEU B 350 28.65 3.61 -1.69
CA LEU B 350 29.12 2.67 -2.69
C LEU B 350 30.11 3.35 -3.62
N LYS B 351 30.98 2.54 -4.20
CA LYS B 351 31.87 3.03 -5.24
C LYS B 351 31.79 2.09 -6.43
N VAL B 352 31.74 2.69 -7.62
CA VAL B 352 31.69 1.96 -8.87
C VAL B 352 32.78 2.52 -9.79
N SER B 353 32.87 1.96 -10.99
CA SER B 353 33.83 2.42 -11.99
C SER B 353 33.05 2.83 -13.23
N GLN B 354 33.04 4.13 -13.52
CA GLN B 354 32.23 4.67 -14.61
C GLN B 354 32.99 4.55 -15.93
N ALA B 355 34.04 5.36 -16.10
CA ALA B 355 34.87 5.31 -17.30
C ALA B 355 36.28 4.88 -16.95
N GLY B 356 36.41 3.82 -16.13
CA GLY B 356 37.65 3.45 -15.52
C GLY B 356 37.96 4.22 -14.25
N LYS B 357 37.44 5.43 -14.12
CA LYS B 357 37.56 6.19 -12.90
C LYS B 357 36.72 5.57 -11.79
N THR B 358 37.23 5.64 -10.56
CA THR B 358 36.52 5.12 -9.40
C THR B 358 35.79 6.26 -8.70
N ILE B 359 34.51 6.06 -8.43
CA ILE B 359 33.55 7.12 -8.14
C ILE B 359 32.71 6.68 -6.95
N CYS B 360 32.60 7.52 -5.94
CA CYS B 360 31.88 7.18 -4.72
C CYS B 360 30.45 7.71 -4.81
N LEU B 361 29.48 6.81 -4.59
CA LEU B 361 28.06 7.12 -4.74
C LEU B 361 27.32 6.85 -3.45
N SER B 362 26.28 7.64 -3.21
CA SER B 362 25.44 7.45 -2.04
C SER B 362 24.59 6.19 -2.18
N GLY B 363 24.61 5.34 -1.16
CA GLY B 363 23.82 4.13 -1.15
C GLY B 363 22.36 4.32 -0.84
N PHE B 364 21.89 5.57 -0.79
CA PHE B 364 20.49 5.87 -0.52
C PHE B 364 19.79 6.30 -1.80
N MET B 365 18.54 5.88 -1.95
CA MET B 365 17.73 6.21 -3.11
C MET B 365 16.35 6.65 -2.65
N GLY B 366 15.82 7.69 -3.29
CA GLY B 366 14.52 8.22 -2.96
C GLY B 366 13.46 7.67 -3.89
N MET B 367 12.53 6.90 -3.32
CA MET B 367 11.43 6.33 -4.09
C MET B 367 10.20 6.25 -3.21
N ASP B 368 9.13 6.94 -3.62
CA ASP B 368 7.87 6.87 -2.91
C ASP B 368 7.10 5.63 -3.32
N ILE B 369 6.60 4.89 -2.33
CA ILE B 369 5.75 3.73 -2.55
C ILE B 369 4.33 4.14 -2.18
N PRO B 370 3.36 4.02 -3.08
CA PRO B 370 2.01 4.53 -2.80
C PRO B 370 1.24 3.57 -1.92
N PRO B 371 0.16 4.03 -1.28
CA PRO B 371 -0.73 3.12 -0.56
C PRO B 371 -1.30 2.07 -1.49
N PRO B 372 -1.76 0.92 -0.97
CA PRO B 372 -1.87 0.61 0.46
C PRO B 372 -0.58 0.10 1.09
N SER B 373 0.37 -0.34 0.26
CA SER B 373 1.61 -0.89 0.80
C SER B 373 2.48 0.19 1.42
N GLY B 374 2.56 1.37 0.79
CA GLY B 374 3.44 2.42 1.24
C GLY B 374 2.79 3.36 2.24
N PRO B 375 3.57 4.31 2.77
CA PRO B 375 5.01 4.48 2.48
C PRO B 375 5.88 3.48 3.23
N LEU B 376 7.05 3.18 2.69
CA LEU B 376 7.92 2.17 3.26
C LEU B 376 9.38 2.55 3.06
N TRP B 377 10.21 2.18 4.02
CA TRP B 377 11.65 2.13 3.83
C TRP B 377 12.03 0.72 3.38
N ILE B 378 12.99 0.62 2.48
CA ILE B 378 13.44 -0.66 1.95
C ILE B 378 14.87 -0.88 2.40
N LEU B 379 15.05 -1.77 3.38
CA LEU B 379 16.37 -2.18 3.83
C LEU B 379 16.89 -3.20 2.83
N GLY B 380 17.59 -2.70 1.82
CA GLY B 380 18.04 -3.50 0.70
C GLY B 380 19.37 -4.19 0.94
N ASP B 381 20.11 -4.42 -0.14
CA ASP B 381 21.35 -5.17 -0.07
C ASP B 381 22.44 -4.44 0.71
N VAL B 382 22.36 -3.11 0.81
CA VAL B 382 23.35 -2.37 1.60
C VAL B 382 23.20 -2.72 3.08
N PHE B 383 21.96 -2.88 3.54
CA PHE B 383 21.73 -3.22 4.95
C PHE B 383 22.03 -4.69 5.24
N ILE B 384 21.58 -5.58 4.35
CA ILE B 384 21.74 -7.02 4.60
C ILE B 384 23.20 -7.43 4.46
N GLY B 385 23.88 -6.94 3.42
CA GLY B 385 25.31 -7.19 3.30
C GLY B 385 26.12 -6.70 4.48
N CYS B 386 25.52 -5.90 5.35
CA CYS B 386 26.16 -5.42 6.57
C CYS B 386 25.61 -6.07 7.83
N TYR B 387 24.42 -6.66 7.77
CA TYR B 387 23.84 -7.40 8.89
C TYR B 387 23.26 -8.70 8.35
N TYR B 388 23.90 -9.82 8.71
CA TYR B 388 23.37 -11.15 8.40
C TYR B 388 21.92 -11.25 8.82
N THR B 389 21.06 -11.62 7.88
CA THR B 389 19.62 -11.57 8.09
C THR B 389 19.03 -12.98 8.11
N VAL B 390 18.12 -13.21 9.07
CA VAL B 390 17.41 -14.47 9.21
C VAL B 390 15.93 -14.20 9.02
N PHE B 391 15.31 -14.94 8.10
CA PHE B 391 13.87 -14.84 7.85
C PHE B 391 13.20 -16.07 8.44
N ASP B 392 12.39 -15.86 9.48
CA ASP B 392 11.79 -16.94 10.26
C ASP B 392 10.29 -16.97 9.96
N ARG B 393 9.86 -17.97 9.17
CA ARG B 393 8.44 -18.16 8.91
C ARG B 393 7.74 -18.94 10.00
N GLU B 394 8.47 -19.49 10.98
CA GLU B 394 7.85 -20.26 12.04
C GLU B 394 7.27 -19.35 13.12
N TYR B 395 8.02 -18.32 13.51
CA TYR B 395 7.55 -17.34 14.48
C TYR B 395 7.34 -15.96 13.86
N ASN B 396 7.40 -15.88 12.53
CA ASN B 396 7.14 -14.65 11.77
C ASN B 396 7.95 -13.48 12.33
N ARG B 397 9.27 -13.61 12.19
CA ARG B 397 10.20 -12.63 12.73
C ARG B 397 11.43 -12.56 11.84
N VAL B 398 12.17 -11.47 11.97
CA VAL B 398 13.40 -11.23 11.23
C VAL B 398 14.54 -11.02 12.22
N GLY B 399 15.66 -11.68 11.98
CA GLY B 399 16.82 -11.60 12.86
C GLY B 399 17.99 -10.93 12.16
N PHE B 400 18.69 -10.07 12.91
CA PHE B 400 19.86 -9.37 12.40
C PHE B 400 21.07 -9.66 13.29
N ALA B 401 22.23 -9.77 12.65
CA ALA B 401 23.48 -9.96 13.37
C ALA B 401 24.60 -9.36 12.53
N LYS B 402 25.55 -8.71 13.22
CA LYS B 402 26.68 -8.07 12.55
C LYS B 402 27.40 -9.07 11.65
N ALA B 403 27.52 -8.72 10.38
CA ALA B 403 28.05 -9.66 9.39
C ALA B 403 29.56 -9.83 9.54
N ALA B 404 30.01 -11.06 9.35
CA ALA B 404 31.44 -11.36 9.40
C ALA B 404 32.11 -10.78 8.17
N THR B 405 32.99 -9.81 8.37
CA THR B 405 33.74 -9.21 7.28
C THR B 405 35.18 -9.72 7.30
N LEU B 406 36.02 -9.10 6.47
CA LEU B 406 37.39 -9.51 6.31
C LEU B 406 38.36 -8.38 6.67
C1 NAG C . 0.22 16.71 -15.77
C2 NAG C . 0.75 15.85 -14.59
C3 NAG C . 2.13 16.31 -14.13
C4 NAG C . 3.10 16.55 -15.29
C5 NAG C . 2.44 17.39 -16.37
C6 NAG C . 3.30 17.51 -17.61
C7 NAG C . -0.36 16.90 -12.64
C8 NAG C . -1.32 16.68 -11.51
N2 NAG C . -0.18 15.85 -13.46
O3 NAG C . 2.68 15.35 -13.23
O4 NAG C . 4.26 17.22 -14.82
O5 NAG C . 1.23 16.78 -16.78
O6 NAG C . 2.90 16.57 -18.61
O7 NAG C . 0.21 17.98 -12.81
C1 NAG C . 3.93 18.39 -14.03
C2 NAG C . 4.77 18.35 -12.72
C3 NAG C . 6.03 19.23 -12.85
C4 NAG C . 5.69 20.68 -13.21
C5 NAG C . 4.32 20.75 -13.89
C6 NAG C . 4.15 21.98 -14.74
C7 NAG C . 3.80 17.94 -10.50
C8 NAG C . 2.96 18.50 -9.40
N2 NAG C . 3.98 18.73 -11.56
O3 NAG C . 6.90 18.67 -13.82
O4 NAG C . 5.69 21.49 -12.04
O5 NAG C . 4.17 19.61 -14.73
O6 NAG C . 4.48 23.17 -14.03
O7 NAG C . 4.30 16.81 -10.45
C1 NAG D . -4.81 22.18 18.61
C2 NAG D . -4.85 22.56 20.07
C3 NAG D . -4.82 24.08 20.21
C4 NAG D . -3.61 24.65 19.48
C5 NAG D . -3.56 24.15 18.04
C6 NAG D . -2.28 24.53 17.33
C7 NAG D . -5.94 21.00 21.63
C8 NAG D . -7.23 20.55 22.23
N2 NAG D . -6.02 22.00 20.74
O3 NAG D . -4.80 24.44 21.59
O4 NAG D . -3.66 26.07 19.49
O5 NAG D . -3.64 22.71 18.00
O6 NAG D . -1.69 25.70 17.89
O7 NAG D . -4.87 20.48 21.93
C28 3UT E . -7.23 5.19 -0.64
O29 3UT E . -5.70 5.53 -0.41
C30 3UT E . -5.23 6.30 -1.33
C31 3UT E . -5.29 5.68 -2.85
C32 3UT E . -6.55 5.19 -3.12
C20 3UT E . -7.62 5.23 -2.04
C13 3UT E . -8.96 4.70 -2.45
C14 3UT E . -10.03 4.64 -1.56
N12 3UT E . -9.08 4.30 -3.70
C11 3UT E . -10.21 3.82 -4.18
F33 3UT E . -10.35 3.38 -5.49
C8 3UT E . -11.34 3.74 -3.32
O7 3UT E . -12.53 3.20 -3.94
C9 3UT E . -11.27 4.15 -2.00
C10 3UT E . -12.51 4.07 -1.06
C15 3UT E . -12.25 2.99 -0.05
O16 3UT E . -12.25 3.54 1.28
C17 3UT E . -12.52 4.97 1.12
N18 3UT E . -12.68 5.21 -0.33
N19 3UT E . -12.62 6.00 2.16
C5 3UT E . -13.73 3.72 -1.82
C6 3UT E . -14.92 3.79 -1.12
C4 3UT E . -13.73 3.30 -3.14
C3 3UT E . -14.92 2.99 -3.82
C2 3UT E . -16.09 3.07 -3.11
C1 3UT E . -16.11 3.47 -1.78
C21 3UT E . -17.35 3.51 -1.19
C26 3UT E . -18.11 2.36 -1.24
C25 3UT E . -19.37 2.38 -0.69
C24 3UT E . -19.81 3.56 -0.12
N23 3UT E . -19.06 4.65 -0.10
C22 3UT E . -17.86 4.66 -0.62
F27 3UT E . -17.10 5.80 -0.58
C1 NAG F . -3.02 -23.95 -11.90
C2 NAG F . -4.30 -24.77 -11.87
C3 NAG F . -5.24 -24.22 -10.80
C4 NAG F . -4.55 -24.24 -9.45
C5 NAG F . -3.23 -23.49 -9.50
C6 NAG F . -2.42 -23.68 -8.24
C7 NAG F . -4.90 -25.86 -13.98
C8 NAG F . -4.11 -27.03 -13.49
N2 NAG F . -4.96 -24.80 -13.17
O3 NAG F . -6.43 -24.99 -10.77
O4 NAG F . -5.40 -23.65 -8.47
O5 NAG F . -2.41 -23.95 -10.59
O6 NAG F . -1.90 -22.46 -7.73
O7 NAG F . -5.46 -25.87 -15.07
C1 NAG G . 7.03 -10.52 19.44
C2 NAG G . 7.13 -9.80 20.78
C3 NAG G . 7.33 -10.81 21.91
C4 NAG G . 6.25 -11.89 21.87
C5 NAG G . 6.18 -12.51 20.47
C6 NAG G . 5.05 -13.50 20.32
C7 NAG G . 8.04 -7.54 20.45
C8 NAG G . 9.26 -6.68 20.50
N2 NAG G . 8.21 -8.83 20.77
O3 NAG G . 7.30 -10.15 23.16
O4 NAG G . 6.53 -12.90 22.82
O5 NAG G . 5.97 -11.49 19.49
O6 NAG G . 3.84 -12.86 19.89
O7 NAG G . 6.94 -7.09 20.15
C28 3UT H . 6.78 -7.88 -6.11
O29 3UT H . 5.35 -7.72 -5.48
C30 3UT H . 4.48 -8.48 -6.06
C31 3UT H . 4.24 -8.22 -7.65
C32 3UT H . 5.43 -8.05 -8.32
C20 3UT H . 6.75 -8.08 -7.55
C13 3UT H . 8.01 -8.00 -8.38
C14 3UT H . 9.19 -7.47 -7.88
N12 3UT H . 7.92 -8.45 -9.62
C11 3UT H . 8.94 -8.43 -10.45
F33 3UT H . 8.85 -8.91 -11.75
C8 3UT H . 10.18 -7.90 -9.98
O7 3UT H . 11.26 -7.91 -10.95
C9 3UT H . 10.33 -7.41 -8.70
C10 3UT H . 11.67 -6.85 -8.17
C15 3UT H . 11.55 -5.37 -7.82
O16 3UT H . 11.68 -5.22 -6.39
C17 3UT H . 11.89 -6.57 -5.84
N18 3UT H . 11.91 -7.48 -7.01
N19 3UT H . 12.09 -6.98 -4.46
C5 3UT H . 12.76 -7.11 -9.14
C6 3UT H . 14.02 -6.84 -8.66
C4 3UT H . 12.57 -7.60 -10.41
C3 3UT H . 13.66 -7.86 -11.26
C2 3UT H . 14.92 -7.59 -10.78
C1 3UT H . 15.12 -7.08 -9.50
C21 3UT H . 16.41 -6.84 -9.10
C26 3UT H . 17.16 -5.91 -9.77
C25 3UT H . 18.46 -5.70 -9.38
C24 3UT H . 18.95 -6.46 -8.33
N23 3UT H . 18.21 -7.35 -7.71
C22 3UT H . 16.96 -7.57 -8.07
F27 3UT H . 16.20 -8.50 -7.42
#